data_4WNP
#
_entry.id   4WNP
#
_cell.length_a   100.410
_cell.length_b   113.800
_cell.length_c   100.630
_cell.angle_alpha   90.000
_cell.angle_beta   90.000
_cell.angle_gamma   90.000
#
_symmetry.space_group_name_H-M   'P 2 2 21'
#
loop_
_entity.id
_entity.type
_entity.pdbx_description
1 polymer 'Serine/threonine-protein kinase ULK1'
2 non-polymer GLYCEROL
3 non-polymer N~2~-(1H-benzimidazol-6-yl)-N~4~-(5-cyclobutyl-1H-pyrazol-3-yl)quinazoline-2,4-diamine
4 water water
#
_entity_poly.entity_id   1
_entity_poly.type   'polypeptide(L)'
_entity_poly.pdbx_seq_one_letter_code
;GGGSMEPGRGGTETVGKFEFSRKDLIGHGAFAVVFKGRHRAAHDLEVAVKCINKKNLAKSQTLLGKEIKILKELKHENIV
ALYDFQEMANSVYLVMEYCNGGDLADYLHAMRTLSEDTIRLFLQQIAGAMRLLHSKGIIHRDLKPQNILLSNPAGRRANP
NSIRVKIADFGFARYLQSNMMAA(TPO)LCGSPMYMAPEVIMSQHYDGKADLWSIGTIVYQCLTGKAPFQASSPQDLRLF
YEKNKTLVPTIPRETSAPLRQLLLALLQRNHKDRMDFDEFFHHPFLDASPS
;
_entity_poly.pdbx_strand_id   A,B,C,D
#
loop_
_chem_comp.id
_chem_comp.type
_chem_comp.name
_chem_comp.formula
3RJ non-polymer N~2~-(1H-benzimidazol-6-yl)-N~4~-(5-cyclobutyl-1H-pyrazol-3-yl)quinazoline-2,4-diamine 'C22 H20 N8'
GOL non-polymer GLYCEROL 'C3 H8 O3'
#
# COMPACT_ATOMS: atom_id res chain seq x y z
N GLY A 11 30.74 24.77 -33.14
CA GLY A 11 29.68 24.04 -33.81
C GLY A 11 29.02 23.00 -32.92
N THR A 12 29.23 21.73 -33.24
CA THR A 12 28.67 20.64 -32.46
C THR A 12 29.48 20.36 -31.18
N GLU A 13 28.81 20.37 -30.04
CA GLU A 13 29.47 20.01 -28.77
C GLU A 13 29.08 18.62 -28.31
N THR A 14 29.97 17.94 -27.60
CA THR A 14 29.66 16.58 -27.21
C THR A 14 29.74 16.36 -25.71
N VAL A 15 28.80 15.59 -25.18
CA VAL A 15 28.84 15.12 -23.80
C VAL A 15 28.61 13.62 -23.82
N GLY A 16 29.65 12.84 -23.53
CA GLY A 16 29.57 11.41 -23.65
C GLY A 16 29.08 11.01 -25.04
N LYS A 17 28.02 10.21 -25.09
CA LYS A 17 27.50 9.69 -26.35
C LYS A 17 26.47 10.65 -26.95
N PHE A 18 26.39 11.86 -26.42
CA PHE A 18 25.36 12.80 -26.84
C PHE A 18 25.98 14.04 -27.46
N GLU A 19 25.21 14.74 -28.29
CA GLU A 19 25.72 15.96 -28.90
C GLU A 19 24.65 17.04 -28.98
N PHE A 20 25.09 18.29 -29.04
CA PHE A 20 24.15 19.38 -29.18
C PHE A 20 24.85 20.59 -29.77
N SER A 21 24.08 21.52 -30.32
CA SER A 21 24.65 22.82 -30.69
C SER A 21 23.94 23.91 -29.90
N ARG A 22 24.67 24.95 -29.55
CA ARG A 22 24.12 26.00 -28.70
C ARG A 22 23.16 26.90 -29.48
N LYS A 23 23.01 26.65 -30.76
CA LYS A 23 22.01 27.36 -31.55
C LYS A 23 20.60 26.85 -31.21
N ASP A 24 20.51 25.63 -30.68
CA ASP A 24 19.22 25.03 -30.41
C ASP A 24 18.80 25.27 -28.97
N LEU A 25 18.61 26.54 -28.60
CA LEU A 25 18.24 26.91 -27.24
C LEU A 25 16.78 26.55 -26.90
N ILE A 26 16.57 25.68 -25.93
CA ILE A 26 15.21 25.35 -25.47
C ILE A 26 14.77 26.26 -24.35
N GLY A 27 15.63 26.48 -23.38
CA GLY A 27 15.25 27.14 -22.15
C GLY A 27 16.36 27.90 -21.49
N HIS A 28 15.97 28.94 -20.76
CA HIS A 28 16.88 29.86 -20.11
C HIS A 28 16.34 30.20 -18.72
N GLY A 29 17.17 30.04 -17.70
CA GLY A 29 16.84 30.54 -16.38
C GLY A 29 18.06 31.17 -15.74
N ALA A 30 17.89 31.68 -14.53
CA ALA A 30 19.00 32.23 -13.79
C ALA A 30 20.06 31.18 -13.54
N PHE A 31 19.65 29.92 -13.39
CA PHE A 31 20.61 28.92 -12.92
C PHE A 31 20.87 27.79 -13.89
N ALA A 32 20.28 27.86 -15.07
CA ALA A 32 20.58 26.88 -16.11
C ALA A 32 20.25 27.35 -17.50
N VAL A 33 21.01 26.85 -18.47
N VAL A 33 20.98 26.83 -18.48
CA VAL A 33 20.67 27.01 -19.88
CA VAL A 33 20.63 27.04 -19.89
C VAL A 33 20.37 25.63 -20.42
C VAL A 33 20.48 25.70 -20.57
N VAL A 34 19.40 25.54 -21.33
CA VAL A 34 19.02 24.21 -21.84
C VAL A 34 19.00 24.19 -23.36
N PHE A 35 19.68 23.19 -23.96
CA PHE A 35 19.74 23.04 -25.41
C PHE A 35 19.16 21.71 -25.83
N LYS A 36 18.55 21.67 -27.02
CA LYS A 36 18.13 20.39 -27.57
C LYS A 36 19.36 19.70 -28.19
N GLY A 37 19.46 18.40 -27.99
CA GLY A 37 20.53 17.63 -28.62
C GLY A 37 20.06 16.23 -28.99
N ARG A 38 21.00 15.33 -29.24
CA ARG A 38 20.64 14.00 -29.71
C ARG A 38 21.76 13.02 -29.35
N HIS A 39 21.43 11.74 -29.40
CA HIS A 39 22.41 10.68 -29.25
C HIS A 39 23.29 10.64 -30.51
N ARG A 40 24.61 10.53 -30.33
CA ARG A 40 25.51 10.59 -31.48
C ARG A 40 25.32 9.43 -32.44
N ALA A 41 24.81 8.31 -31.96
CA ALA A 41 24.67 7.13 -32.80
C ALA A 41 23.23 6.84 -33.19
N ALA A 42 22.29 7.51 -32.52
CA ALA A 42 20.88 7.39 -32.85
C ALA A 42 20.23 8.78 -32.89
N HIS A 43 20.32 9.44 -34.04
CA HIS A 43 19.93 10.84 -34.14
C HIS A 43 18.47 11.08 -33.78
N ASP A 44 17.64 10.04 -33.90
CA ASP A 44 16.22 10.14 -33.58
C ASP A 44 15.95 10.16 -32.07
N LEU A 45 16.98 9.89 -31.28
CA LEU A 45 16.87 9.92 -29.82
C LEU A 45 17.23 11.31 -29.33
N GLU A 46 16.19 12.10 -29.06
CA GLU A 46 16.31 13.49 -28.68
C GLU A 46 16.62 13.64 -27.18
N VAL A 47 17.38 14.68 -26.83
CA VAL A 47 17.69 14.92 -25.43
C VAL A 47 17.58 16.42 -25.15
N ALA A 48 17.49 16.77 -23.87
CA ALA A 48 17.65 18.19 -23.47
C ALA A 48 18.88 18.26 -22.59
N VAL A 49 19.85 19.11 -22.96
CA VAL A 49 21.13 19.20 -22.24
C VAL A 49 21.11 20.45 -21.39
N LYS A 50 21.14 20.27 -20.09
CA LYS A 50 21.09 21.35 -19.11
C LYS A 50 22.52 21.72 -18.74
N CYS A 51 22.86 23.01 -18.88
CA CYS A 51 24.23 23.52 -18.64
C CYS A 51 24.24 24.69 -17.66
N ILE A 52 25.43 24.98 -17.12
CA ILE A 52 25.63 26.13 -16.24
C ILE A 52 25.18 27.42 -16.91
N ASN A 53 24.55 28.30 -16.15
CA ASN A 53 24.36 29.68 -16.59
C ASN A 53 25.51 30.49 -16.01
N LYS A 54 26.45 30.86 -16.85
CA LYS A 54 27.64 31.53 -16.35
C LYS A 54 27.35 32.91 -15.74
N LYS A 55 26.16 33.46 -15.95
CA LYS A 55 25.80 34.74 -15.33
C LYS A 55 25.62 34.57 -13.82
N ASN A 56 25.33 33.35 -13.37
CA ASN A 56 25.28 33.05 -11.94
C ASN A 56 26.08 31.80 -11.67
N LEU A 57 27.37 31.87 -11.99
CA LEU A 57 28.18 30.67 -12.11
C LEU A 57 28.12 29.80 -10.86
N ALA A 58 28.40 30.41 -9.71
CA ALA A 58 28.55 29.64 -8.48
C ALA A 58 27.25 28.93 -8.10
N LYS A 59 26.13 29.65 -8.12
CA LYS A 59 24.86 29.06 -7.70
C LYS A 59 24.34 28.04 -8.70
N SER A 60 24.54 28.32 -9.98
CA SER A 60 24.16 27.42 -11.06
C SER A 60 24.92 26.10 -10.94
N GLN A 61 26.24 26.18 -10.79
CA GLN A 61 27.07 24.98 -10.60
C GLN A 61 26.58 24.18 -9.40
N THR A 62 26.28 24.86 -8.31
CA THR A 62 25.82 24.18 -7.10
C THR A 62 24.46 23.47 -7.28
N LEU A 63 23.51 24.16 -7.88
CA LEU A 63 22.19 23.57 -8.14
C LEU A 63 22.20 22.39 -9.10
N LEU A 64 22.99 22.48 -10.16
CA LEU A 64 23.06 21.37 -11.11
C LEU A 64 23.74 20.15 -10.46
N GLY A 65 24.76 20.39 -9.65
CA GLY A 65 25.42 19.30 -8.93
C GLY A 65 24.42 18.59 -8.03
N LYS A 66 23.63 19.37 -7.30
CA LYS A 66 22.62 18.82 -6.39
C LYS A 66 21.52 18.07 -7.12
N GLU A 67 21.13 18.58 -8.29
CA GLU A 67 20.10 17.92 -9.07
C GLU A 67 20.58 16.57 -9.59
N ILE A 68 21.84 16.51 -10.00
CA ILE A 68 22.42 15.22 -10.36
C ILE A 68 22.31 14.23 -9.20
N LYS A 69 22.64 14.68 -7.98
CA LYS A 69 22.65 13.78 -6.81
C LYS A 69 21.27 13.20 -6.55
N ILE A 70 20.26 14.06 -6.58
CA ILE A 70 18.87 13.63 -6.39
C ILE A 70 18.36 12.76 -7.53
N LEU A 71 18.56 13.20 -8.76
CA LEU A 71 18.00 12.51 -9.93
C LEU A 71 18.60 11.13 -10.14
N LYS A 72 19.85 10.93 -9.73
CA LYS A 72 20.46 9.60 -9.73
C LYS A 72 19.61 8.59 -8.96
N GLU A 73 18.83 9.06 -7.99
CA GLU A 73 18.06 8.15 -7.12
C GLU A 73 16.60 7.96 -7.53
N LEU A 74 16.15 8.72 -8.54
CA LEU A 74 14.75 8.83 -8.87
C LEU A 74 14.52 8.40 -10.30
N LYS A 75 14.25 7.12 -10.51
CA LYS A 75 13.90 6.66 -11.84
C LYS A 75 12.40 6.37 -11.85
N HIS A 76 11.69 7.04 -12.75
CA HIS A 76 10.23 6.91 -12.78
C HIS A 76 9.70 7.47 -14.10
N GLU A 77 8.61 6.89 -14.61
CA GLU A 77 8.10 7.37 -15.88
C GLU A 77 7.60 8.81 -15.78
N ASN A 78 7.23 9.25 -14.59
CA ASN A 78 6.68 10.60 -14.46
C ASN A 78 7.66 11.57 -13.77
N ILE A 79 8.93 11.22 -13.85
CA ILE A 79 10.03 12.15 -13.46
C ILE A 79 10.92 12.28 -14.67
N VAL A 80 11.14 13.49 -15.16
CA VAL A 80 11.98 13.65 -16.37
C VAL A 80 13.32 12.96 -16.10
N ALA A 81 13.73 12.05 -16.99
CA ALA A 81 14.84 11.14 -16.65
C ALA A 81 16.21 11.75 -16.89
N LEU A 82 17.16 11.42 -16.03
CA LEU A 82 18.58 11.75 -16.23
C LEU A 82 19.26 10.60 -16.99
N TYR A 83 19.57 10.80 -18.28
CA TYR A 83 20.25 9.76 -19.07
C TYR A 83 21.73 9.65 -18.74
N ASP A 84 22.38 10.80 -18.63
CA ASP A 84 23.80 10.83 -18.29
C ASP A 84 24.10 12.22 -17.78
N PHE A 85 25.32 12.42 -17.31
CA PHE A 85 25.70 13.74 -16.81
C PHE A 85 27.21 13.84 -16.89
N GLN A 86 27.71 15.05 -16.76
CA GLN A 86 29.17 15.22 -16.75
C GLN A 86 29.54 16.37 -15.85
N GLU A 87 30.15 16.04 -14.71
CA GLU A 87 30.48 17.06 -13.75
C GLU A 87 31.99 17.21 -13.69
N MET A 88 32.45 18.44 -13.83
CA MET A 88 33.88 18.72 -13.76
C MET A 88 34.06 19.93 -12.86
N ALA A 89 35.31 20.35 -12.66
CA ALA A 89 35.60 21.46 -11.77
C ALA A 89 34.92 22.75 -12.25
N ASN A 90 34.86 22.96 -13.55
CA ASN A 90 34.38 24.25 -14.04
C ASN A 90 33.17 24.16 -14.95
N SER A 91 32.58 22.97 -15.06
CA SER A 91 31.45 22.79 -15.94
C SER A 91 30.58 21.66 -15.42
N VAL A 92 29.28 21.75 -15.66
CA VAL A 92 28.38 20.67 -15.32
C VAL A 92 27.33 20.57 -16.42
N TYR A 93 27.10 19.35 -16.91
CA TYR A 93 26.07 19.07 -17.91
C TYR A 93 25.15 17.96 -17.45
N LEU A 94 23.84 18.13 -17.65
CA LEU A 94 22.91 17.03 -17.40
C LEU A 94 22.24 16.66 -18.71
N VAL A 95 22.30 15.40 -19.09
CA VAL A 95 21.64 14.97 -20.33
C VAL A 95 20.29 14.37 -19.92
N MET A 96 19.21 15.08 -20.26
CA MET A 96 17.85 14.75 -19.80
C MET A 96 17.01 14.19 -20.93
N GLU A 97 16.03 13.38 -20.55
CA GLU A 97 14.95 13.00 -21.45
C GLU A 97 14.32 14.23 -22.10
N TYR A 98 14.01 14.14 -23.38
CA TYR A 98 13.38 15.25 -24.10
C TYR A 98 11.86 15.05 -24.11
N CYS A 99 11.12 16.06 -23.69
CA CYS A 99 9.66 15.99 -23.66
C CYS A 99 9.14 16.95 -24.71
N ASN A 100 8.52 16.42 -25.77
CA ASN A 100 8.23 17.26 -26.94
C ASN A 100 7.03 18.17 -26.78
N GLY A 101 6.25 17.97 -25.72
CA GLY A 101 5.03 18.72 -25.51
C GLY A 101 5.19 20.02 -24.75
N GLY A 102 6.41 20.31 -24.31
CA GLY A 102 6.66 21.55 -23.59
C GLY A 102 6.09 21.51 -22.17
N ASP A 103 5.99 22.67 -21.51
CA ASP A 103 5.60 22.61 -20.11
C ASP A 103 4.10 22.86 -19.92
N LEU A 104 3.62 22.55 -18.73
CA LEU A 104 2.16 22.61 -18.47
C LEU A 104 1.67 24.03 -18.52
N ALA A 105 2.52 24.99 -18.13
CA ALA A 105 2.10 26.38 -18.12
C ALA A 105 1.68 26.83 -19.53
N ASP A 106 2.50 26.47 -20.51
CA ASP A 106 2.21 26.84 -21.91
C ASP A 106 1.03 26.06 -22.44
N TYR A 107 0.94 24.80 -22.05
CA TYR A 107 -0.23 24.01 -22.45
C TYR A 107 -1.53 24.64 -21.93
N LEU A 108 -1.50 25.13 -20.68
CA LEU A 108 -2.68 25.73 -20.08
C LEU A 108 -3.03 27.04 -20.77
N HIS A 109 -2.01 27.81 -21.18
CA HIS A 109 -2.31 29.02 -21.94
C HIS A 109 -3.02 28.66 -23.25
N ALA A 110 -2.57 27.62 -23.91
CA ALA A 110 -3.15 27.25 -25.21
C ALA A 110 -4.58 26.73 -25.06
N MET A 111 -4.80 25.90 -24.04
CA MET A 111 -6.07 25.22 -23.84
C MET A 111 -7.08 26.09 -23.08
N ARG A 112 -6.54 27.08 -22.38
CA ARG A 112 -7.23 27.99 -21.47
C ARG A 112 -7.62 27.30 -20.16
N THR A 113 -8.35 26.20 -20.24
CA THR A 113 -8.55 25.35 -19.06
C THR A 113 -8.51 23.91 -19.51
N LEU A 114 -8.38 22.99 -18.56
CA LEU A 114 -8.45 21.55 -18.85
C LEU A 114 -9.74 20.96 -18.30
N SER A 115 -10.25 19.93 -18.98
CA SER A 115 -11.44 19.22 -18.49
C SER A 115 -11.08 18.45 -17.23
N GLU A 116 -12.08 18.12 -16.42
CA GLU A 116 -11.81 17.32 -15.22
C GLU A 116 -11.20 15.97 -15.57
N ASP A 117 -11.60 15.38 -16.70
CA ASP A 117 -11.01 14.08 -17.05
C ASP A 117 -9.50 14.16 -17.31
N THR A 118 -9.09 15.24 -17.97
CA THR A 118 -7.67 15.48 -18.26
C THR A 118 -6.93 15.79 -16.97
N ILE A 119 -7.57 16.56 -16.09
CA ILE A 119 -6.95 16.89 -14.81
C ILE A 119 -6.72 15.60 -14.02
N ARG A 120 -7.69 14.69 -14.03
CA ARG A 120 -7.52 13.40 -13.36
C ARG A 120 -6.35 12.63 -13.95
N LEU A 121 -6.27 12.55 -15.27
CA LEU A 121 -5.17 11.82 -15.93
C LEU A 121 -3.81 12.40 -15.53
N PHE A 122 -3.72 13.72 -15.52
CA PHE A 122 -2.47 14.39 -15.16
C PHE A 122 -2.13 14.22 -13.66
N LEU A 123 -3.14 14.37 -12.81
CA LEU A 123 -2.93 14.27 -11.37
C LEU A 123 -2.58 12.84 -10.94
N GLN A 124 -3.15 11.83 -11.61
CA GLN A 124 -2.79 10.42 -11.32
C GLN A 124 -1.28 10.23 -11.50
N GLN A 125 -0.77 10.88 -12.54
CA GLN A 125 0.63 10.72 -12.94
C GLN A 125 1.52 11.50 -11.99
N ILE A 126 1.11 12.70 -11.64
CA ILE A 126 1.85 13.48 -10.64
C ILE A 126 1.87 12.72 -9.31
N ALA A 127 0.75 12.10 -8.96
CA ALA A 127 0.63 11.38 -7.72
C ALA A 127 1.61 10.19 -7.68
N GLY A 128 1.79 9.51 -8.81
CA GLY A 128 2.69 8.37 -8.87
C GLY A 128 4.13 8.81 -8.65
N ALA A 129 4.54 9.88 -9.29
CA ALA A 129 5.87 10.42 -9.02
C ALA A 129 5.99 10.89 -7.57
N MET A 130 4.94 11.52 -7.04
CA MET A 130 5.00 11.98 -5.63
C MET A 130 5.06 10.81 -4.63
N ARG A 131 4.48 9.65 -4.99
CA ARG A 131 4.63 8.49 -4.14
C ARG A 131 6.09 8.07 -4.01
N LEU A 132 6.83 8.17 -5.12
CA LEU A 132 8.24 7.80 -5.07
C LEU A 132 9.03 8.82 -4.24
N LEU A 133 8.79 10.11 -4.44
CA LEU A 133 9.52 11.12 -3.63
C LEU A 133 9.25 10.91 -2.15
N HIS A 134 7.97 10.76 -1.81
CA HIS A 134 7.54 10.55 -0.43
C HIS A 134 8.19 9.31 0.19
N SER A 135 8.22 8.21 -0.55
CA SER A 135 8.81 6.99 0.00
C SER A 135 10.33 7.12 0.15
N LYS A 136 10.96 7.98 -0.65
CA LYS A 136 12.40 8.26 -0.51
C LYS A 136 12.71 9.33 0.54
N GLY A 137 11.68 10.04 1.01
CA GLY A 137 11.91 11.09 1.99
C GLY A 137 12.43 12.38 1.36
N ILE A 138 12.05 12.61 0.10
CA ILE A 138 12.46 13.78 -0.64
C ILE A 138 11.32 14.78 -0.82
N ILE A 139 11.62 16.05 -0.59
CA ILE A 139 10.67 17.09 -0.91
C ILE A 139 11.21 17.93 -2.06
N HIS A 140 10.33 18.30 -2.99
CA HIS A 140 10.74 18.93 -4.24
C HIS A 140 10.98 20.43 -4.09
N ARG A 141 9.96 21.10 -3.55
CA ARG A 141 10.01 22.50 -3.14
C ARG A 141 9.92 23.51 -4.29
N ASP A 142 9.78 23.06 -5.54
CA ASP A 142 9.62 24.05 -6.59
C ASP A 142 8.60 23.57 -7.60
N LEU A 143 7.51 22.99 -7.11
CA LEU A 143 6.47 22.49 -8.00
C LEU A 143 5.64 23.67 -8.50
N LYS A 144 5.50 23.75 -9.83
CA LYS A 144 4.70 24.81 -10.48
C LYS A 144 4.49 24.33 -11.91
N PRO A 145 3.57 24.96 -12.64
CA PRO A 145 3.26 24.40 -13.97
C PRO A 145 4.47 24.42 -14.90
N GLN A 146 5.39 25.37 -14.73
CA GLN A 146 6.58 25.44 -15.58
C GLN A 146 7.53 24.26 -15.35
N ASN A 147 7.39 23.58 -14.22
CA ASN A 147 8.25 22.43 -13.88
C ASN A 147 7.52 21.08 -14.06
N ILE A 148 6.39 21.13 -14.75
CA ILE A 148 5.70 19.91 -15.23
C ILE A 148 5.83 19.86 -16.75
N LEU A 149 6.50 18.83 -17.29
CA LEU A 149 6.75 18.75 -18.71
C LEU A 149 5.79 17.72 -19.29
N LEU A 150 5.41 17.92 -20.55
CA LEU A 150 4.50 17.00 -21.22
C LEU A 150 5.17 16.26 -22.37
N SER A 151 4.97 14.95 -22.43
CA SER A 151 5.51 14.14 -23.50
C SER A 151 4.35 13.66 -24.33
N ASN A 152 4.42 13.90 -25.63
CA ASN A 152 3.34 13.56 -26.56
C ASN A 152 3.89 12.77 -27.74
N PRO A 153 4.36 11.54 -27.47
CA PRO A 153 5.03 10.79 -28.54
C PRO A 153 4.16 10.60 -29.78
N ALA A 154 2.84 10.55 -29.63
CA ALA A 154 1.94 10.32 -30.77
C ALA A 154 1.68 11.59 -31.60
N GLY A 155 2.23 12.72 -31.18
CA GLY A 155 2.05 13.95 -31.96
C GLY A 155 0.60 14.32 -32.19
N ARG A 156 0.26 14.72 -33.40
CA ARG A 156 -1.10 15.19 -33.71
C ARG A 156 -2.15 14.06 -33.63
N ARG A 157 -1.69 12.82 -33.69
CA ARG A 157 -2.59 11.66 -33.70
C ARG A 157 -2.66 10.97 -32.34
N ALA A 158 -2.64 11.76 -31.27
CA ALA A 158 -2.62 11.22 -29.91
C ALA A 158 -3.93 11.45 -29.13
N ASN A 159 -4.29 10.49 -28.28
CA ASN A 159 -5.38 10.66 -27.32
C ASN A 159 -4.99 11.54 -26.14
N PRO A 160 -5.98 11.97 -25.35
CA PRO A 160 -5.67 12.60 -24.06
C PRO A 160 -4.88 11.64 -23.18
N ASN A 161 -5.32 10.38 -23.13
CA ASN A 161 -4.64 9.32 -22.39
C ASN A 161 -3.21 9.12 -22.84
N SER A 162 -2.89 9.64 -24.03
CA SER A 162 -1.60 9.40 -24.64
C SER A 162 -0.53 10.29 -23.99
N ILE A 163 -0.96 11.42 -23.43
CA ILE A 163 -0.01 12.40 -22.90
C ILE A 163 0.63 11.94 -21.59
N ARG A 164 1.96 12.01 -21.49
CA ARG A 164 2.62 11.67 -20.24
C ARG A 164 3.08 12.95 -19.56
N VAL A 165 2.85 13.06 -18.25
CA VAL A 165 3.26 14.26 -17.52
C VAL A 165 4.46 13.91 -16.65
N LYS A 166 5.47 14.80 -16.58
CA LYS A 166 6.71 14.47 -15.88
C LYS A 166 7.28 15.64 -15.08
N ILE A 167 7.66 15.36 -13.85
CA ILE A 167 8.16 16.41 -12.99
C ILE A 167 9.63 16.74 -13.27
N ALA A 168 9.93 18.03 -13.36
CA ALA A 168 11.26 18.51 -13.68
C ALA A 168 11.84 19.39 -12.56
N ASP A 169 13.15 19.64 -12.64
CA ASP A 169 13.87 20.64 -11.82
C ASP A 169 13.99 20.30 -10.35
N PHE A 170 14.97 19.46 -10.02
CA PHE A 170 15.14 18.98 -8.68
C PHE A 170 16.29 19.70 -7.97
N GLY A 171 16.69 20.83 -8.53
CA GLY A 171 17.80 21.62 -8.00
C GLY A 171 17.53 22.17 -6.61
N PHE A 172 16.26 22.31 -6.24
CA PHE A 172 15.91 22.77 -4.91
C PHE A 172 15.46 21.64 -3.96
N ALA A 173 15.45 20.41 -4.45
CA ALA A 173 14.91 19.32 -3.64
C ALA A 173 15.85 19.02 -2.46
N ARG A 174 15.33 18.40 -1.41
CA ARG A 174 16.19 17.90 -0.33
C ARG A 174 15.59 16.67 0.34
N TYR A 175 16.45 15.90 1.01
CA TYR A 175 15.92 14.89 1.93
C TYR A 175 15.44 15.60 3.19
N LEU A 176 14.32 15.15 3.74
CA LEU A 176 13.89 15.66 5.04
C LEU A 176 13.55 14.46 5.93
N GLN A 177 14.31 14.30 7.01
CA GLN A 177 14.10 13.24 7.98
C GLN A 177 12.71 13.41 8.61
N SER A 178 12.06 12.31 8.94
CA SER A 178 10.63 12.35 9.28
C SER A 178 10.36 13.09 10.60
N ASN A 179 11.37 13.21 11.45
CA ASN A 179 11.22 13.98 12.70
C ASN A 179 11.79 15.40 12.61
N MET A 180 12.06 15.87 11.39
N MET A 180 12.04 15.88 11.39
CA MET A 180 12.65 17.21 11.20
CA MET A 180 12.61 17.22 11.22
C MET A 180 11.72 18.10 10.36
C MET A 180 11.77 18.05 10.27
N MET A 181 12.03 19.39 10.33
N MET A 181 11.98 19.37 10.32
CA MET A 181 11.34 20.34 9.46
CA MET A 181 11.32 20.26 9.38
C MET A 181 12.37 21.12 8.65
C MET A 181 12.36 21.10 8.64
N ALA A 182 11.97 21.61 7.48
CA ALA A 182 12.85 22.43 6.66
C ALA A 182 12.55 23.90 6.88
N ALA A 183 13.50 24.78 6.58
CA ALA A 183 13.25 26.20 6.76
C ALA A 183 13.86 27.07 5.66
N TPO A 184 14.42 26.45 4.62
CA TPO A 184 15.01 27.19 3.55
CB TPO A 184 15.88 26.29 2.70
CG2 TPO A 184 16.47 27.11 1.57
OG1 TPO A 184 16.99 25.87 3.50
P TPO A 184 17.16 24.28 3.60
O1P TPO A 184 18.29 24.06 4.74
O2P TPO A 184 17.64 23.80 2.27
O3P TPO A 184 15.80 23.61 4.06
C TPO A 184 13.92 27.82 2.70
O TPO A 184 13.03 27.16 2.25
N LEU A 185 14.03 29.12 2.49
CA LEU A 185 13.10 29.83 1.63
C LEU A 185 13.42 29.57 0.17
N CYS A 186 12.59 28.76 -0.48
CA CYS A 186 12.74 28.57 -1.91
C CYS A 186 11.41 28.19 -2.52
N GLY A 187 11.35 28.24 -3.85
CA GLY A 187 10.12 27.94 -4.56
C GLY A 187 9.68 29.22 -5.25
N SER A 188 8.53 29.18 -5.90
CA SER A 188 7.99 30.35 -6.56
C SER A 188 6.78 30.87 -5.78
N PRO A 189 6.84 32.15 -5.38
CA PRO A 189 5.86 32.78 -4.48
C PRO A 189 4.40 32.38 -4.70
N MET A 190 3.90 32.39 -5.94
CA MET A 190 2.51 32.06 -6.18
C MET A 190 2.15 30.60 -5.95
N TYR A 191 3.16 29.73 -5.88
CA TYR A 191 2.93 28.30 -5.71
C TYR A 191 3.47 27.82 -4.36
N MET A 192 4.04 28.73 -3.58
CA MET A 192 4.62 28.43 -2.27
C MET A 192 3.56 28.26 -1.21
N ALA A 193 3.69 27.23 -0.37
CA ALA A 193 2.79 27.09 0.77
C ALA A 193 2.90 28.31 1.69
N PRO A 194 1.79 28.71 2.34
CA PRO A 194 1.83 29.86 3.25
C PRO A 194 2.97 29.78 4.29
N GLU A 195 3.17 28.59 4.86
CA GLU A 195 4.22 28.41 5.87
C GLU A 195 5.61 28.70 5.27
N VAL A 196 5.81 28.39 3.98
CA VAL A 196 7.08 28.62 3.33
C VAL A 196 7.30 30.13 3.11
N ILE A 197 6.33 30.79 2.48
CA ILE A 197 6.48 32.21 2.18
C ILE A 197 6.50 33.07 3.48
N MET A 198 5.90 32.58 4.56
CA MET A 198 5.93 33.31 5.83
C MET A 198 7.17 32.99 6.66
N SER A 199 8.16 32.36 6.02
CA SER A 199 9.44 32.05 6.65
C SER A 199 9.30 31.19 7.90
N GLN A 200 8.37 30.22 7.84
CA GLN A 200 8.17 29.31 8.95
C GLN A 200 8.78 27.96 8.61
N HIS A 201 8.83 27.07 9.59
CA HIS A 201 9.28 25.71 9.34
C HIS A 201 8.20 24.97 8.56
N TYR A 202 8.60 23.98 7.76
CA TYR A 202 7.62 23.28 6.90
C TYR A 202 8.07 21.85 6.65
N ASP A 203 7.20 21.05 6.04
CA ASP A 203 7.57 19.68 5.69
C ASP A 203 7.02 19.32 4.32
N GLY A 204 6.88 18.03 4.05
CA GLY A 204 6.41 17.59 2.76
C GLY A 204 5.02 18.10 2.37
N LYS A 205 4.21 18.53 3.34
CA LYS A 205 2.86 19.01 3.01
C LYS A 205 2.90 20.34 2.24
N ALA A 206 4.06 21.00 2.24
CA ALA A 206 4.23 22.20 1.40
C ALA A 206 4.09 21.86 -0.09
N ASP A 207 4.66 20.73 -0.49
CA ASP A 207 4.52 20.26 -1.86
C ASP A 207 3.02 20.02 -2.20
N LEU A 208 2.25 19.57 -1.22
CA LEU A 208 0.82 19.26 -1.46
C LEU A 208 0.04 20.54 -1.73
N TRP A 209 0.40 21.63 -1.03
CA TRP A 209 -0.19 22.94 -1.35
C TRP A 209 0.14 23.32 -2.80
N SER A 210 1.40 23.14 -3.19
CA SER A 210 1.79 23.54 -4.53
C SER A 210 0.99 22.70 -5.58
N ILE A 211 0.78 21.42 -5.29
CA ILE A 211 -0.02 20.59 -6.20
C ILE A 211 -1.45 21.12 -6.29
N GLY A 212 -1.97 21.57 -5.16
CA GLY A 212 -3.30 22.13 -5.10
C GLY A 212 -3.40 23.35 -5.99
N THR A 213 -2.38 24.21 -5.97
CA THR A 213 -2.41 25.43 -6.76
C THR A 213 -2.33 25.09 -8.25
N ILE A 214 -1.53 24.09 -8.58
CA ILE A 214 -1.40 23.64 -9.96
C ILE A 214 -2.74 23.09 -10.46
N VAL A 215 -3.40 22.26 -9.66
CA VAL A 215 -4.70 21.72 -10.05
C VAL A 215 -5.73 22.84 -10.21
N TYR A 216 -5.72 23.81 -9.31
CA TYR A 216 -6.65 24.91 -9.38
C TYR A 216 -6.44 25.68 -10.71
N GLN A 217 -5.16 25.92 -11.04
CA GLN A 217 -4.85 26.64 -12.25
C GLN A 217 -5.26 25.87 -13.51
N CYS A 218 -5.12 24.55 -13.50
CA CYS A 218 -5.63 23.70 -14.58
C CYS A 218 -7.13 23.88 -14.77
N LEU A 219 -7.83 23.99 -13.66
CA LEU A 219 -9.29 24.06 -13.64
C LEU A 219 -9.82 25.43 -14.09
N THR A 220 -9.13 26.49 -13.71
CA THR A 220 -9.62 27.86 -13.88
C THR A 220 -8.78 28.72 -14.83
N GLY A 221 -7.54 28.32 -15.08
CA GLY A 221 -6.61 29.13 -15.84
C GLY A 221 -5.82 30.13 -15.02
N LYS A 222 -6.09 30.19 -13.72
CA LYS A 222 -5.44 31.19 -12.85
C LYS A 222 -4.92 30.56 -11.57
N ALA A 223 -3.88 31.14 -10.98
CA ALA A 223 -3.49 30.73 -9.64
C ALA A 223 -4.59 31.16 -8.66
N PRO A 224 -4.78 30.44 -7.56
CA PRO A 224 -5.91 30.71 -6.66
C PRO A 224 -5.80 32.00 -5.83
N PHE A 225 -4.59 32.42 -5.50
CA PHE A 225 -4.41 33.63 -4.69
C PHE A 225 -3.37 34.49 -5.35
N GLN A 226 -3.81 35.66 -5.82
CA GLN A 226 -2.93 36.52 -6.61
C GLN A 226 -2.66 37.84 -5.90
N ALA A 227 -1.49 38.38 -6.16
CA ALA A 227 -1.07 39.58 -5.48
C ALA A 227 -0.20 40.36 -6.44
N SER A 228 0.05 41.63 -6.14
CA SER A 228 0.81 42.44 -7.06
C SER A 228 2.30 42.24 -6.83
N SER A 229 2.65 41.45 -5.80
CA SER A 229 4.04 41.14 -5.49
C SER A 229 4.13 40.02 -4.45
N PRO A 230 5.29 39.36 -4.35
CA PRO A 230 5.46 38.35 -3.31
C PRO A 230 5.20 38.89 -1.89
N GLN A 231 5.78 40.05 -1.56
CA GLN A 231 5.51 40.71 -0.28
C GLN A 231 4.02 40.84 0.00
N ASP A 232 3.29 41.35 -0.99
CA ASP A 232 1.84 41.49 -0.85
C ASP A 232 1.13 40.14 -0.69
N LEU A 233 1.65 39.08 -1.28
CA LEU A 233 1.06 37.75 -1.11
C LEU A 233 1.33 37.24 0.31
N ARG A 234 2.54 37.44 0.78
CA ARG A 234 2.88 37.10 2.16
C ARG A 234 1.92 37.81 3.11
N LEU A 235 1.82 39.13 2.99
CA LEU A 235 0.95 39.92 3.87
C LEU A 235 -0.49 39.42 3.83
N PHE A 236 -0.97 39.06 2.63
CA PHE A 236 -2.30 38.49 2.48
C PHE A 236 -2.47 37.20 3.28
N TYR A 237 -1.49 36.30 3.18
CA TYR A 237 -1.51 35.05 3.92
C TYR A 237 -1.42 35.31 5.42
N GLU A 238 -0.62 36.30 5.81
CA GLU A 238 -0.45 36.64 7.21
C GLU A 238 -1.73 37.16 7.84
N LYS A 239 -2.49 37.97 7.10
CA LYS A 239 -3.70 38.60 7.64
C LYS A 239 -4.90 37.67 7.63
N ASN A 240 -4.98 36.80 6.63
CA ASN A 240 -6.13 35.93 6.47
C ASN A 240 -5.89 34.53 7.04
N LYS A 241 -6.49 34.28 8.20
CA LYS A 241 -6.32 32.99 8.88
C LYS A 241 -7.06 31.89 8.14
N THR A 242 -8.09 32.26 7.38
CA THR A 242 -8.79 31.28 6.56
C THR A 242 -8.71 31.65 5.10
N LEU A 243 -8.27 30.69 4.28
CA LEU A 243 -8.16 30.88 2.85
C LEU A 243 -9.12 29.95 2.15
N VAL A 244 -10.04 30.53 1.38
CA VAL A 244 -10.91 29.72 0.54
C VAL A 244 -10.81 30.18 -0.91
N PRO A 245 -10.26 29.31 -1.76
CA PRO A 245 -10.11 29.69 -3.17
C PRO A 245 -11.49 29.74 -3.81
N THR A 246 -11.65 30.59 -4.81
CA THR A 246 -12.89 30.70 -5.55
C THR A 246 -12.96 29.61 -6.63
N ILE A 247 -13.81 28.61 -6.41
CA ILE A 247 -13.90 27.46 -7.29
C ILE A 247 -15.18 27.54 -8.12
N PRO A 248 -15.09 27.33 -9.44
CA PRO A 248 -16.28 27.45 -10.31
C PRO A 248 -17.41 26.58 -9.85
N ARG A 249 -18.63 27.07 -9.96
CA ARG A 249 -19.75 26.36 -9.40
C ARG A 249 -20.00 25.00 -10.07
N GLU A 250 -19.57 24.82 -11.32
CA GLU A 250 -19.86 23.55 -12.00
C GLU A 250 -18.82 22.44 -11.75
N THR A 251 -17.77 22.77 -10.99
CA THR A 251 -16.76 21.78 -10.59
C THR A 251 -17.38 20.60 -9.85
N SER A 252 -16.97 19.37 -10.18
CA SER A 252 -17.58 18.21 -9.53
C SER A 252 -17.25 18.25 -8.03
N ALA A 253 -18.15 17.72 -7.19
CA ALA A 253 -17.96 17.75 -5.74
C ALA A 253 -16.67 17.06 -5.26
N PRO A 254 -16.33 15.88 -5.82
CA PRO A 254 -15.03 15.26 -5.45
C PRO A 254 -13.80 16.11 -5.78
N LEU A 255 -13.77 16.79 -6.93
CA LEU A 255 -12.61 17.64 -7.23
C LEU A 255 -12.57 18.87 -6.33
N ARG A 256 -13.74 19.42 -6.07
CA ARG A 256 -13.85 20.56 -5.15
C ARG A 256 -13.34 20.17 -3.75
N GLN A 257 -13.73 18.99 -3.28
CA GLN A 257 -13.30 18.55 -1.95
C GLN A 257 -11.78 18.40 -1.91
N LEU A 258 -11.22 17.84 -2.98
CA LEU A 258 -9.77 17.66 -3.08
C LEU A 258 -9.03 19.01 -3.03
N LEU A 259 -9.52 19.97 -3.80
CA LEU A 259 -8.91 21.30 -3.84
C LEU A 259 -8.92 22.00 -2.50
N LEU A 260 -10.06 21.94 -1.82
CA LEU A 260 -10.21 22.58 -0.52
C LEU A 260 -9.34 21.91 0.53
N ALA A 261 -9.14 20.60 0.43
CA ALA A 261 -8.27 19.89 1.36
C ALA A 261 -6.79 20.22 1.13
N LEU A 262 -6.39 20.37 -0.13
CA LEU A 262 -5.00 20.70 -0.47
C LEU A 262 -4.67 22.16 -0.21
N LEU A 263 -5.65 23.03 -0.42
CA LEU A 263 -5.42 24.47 -0.28
C LEU A 263 -5.85 24.95 1.10
N GLN A 264 -5.51 24.16 2.11
CA GLN A 264 -5.64 24.58 3.51
C GLN A 264 -4.46 25.46 3.94
N ARG A 265 -4.76 26.66 4.43
CA ARG A 265 -3.70 27.57 4.90
C ARG A 265 -2.77 26.93 5.93
N ASN A 266 -3.35 26.23 6.89
CA ASN A 266 -2.56 25.63 7.98
C ASN A 266 -2.16 24.19 7.66
N HIS A 267 -0.86 23.92 7.68
CA HIS A 267 -0.41 22.61 7.20
C HIS A 267 -0.91 21.49 8.12
N LYS A 268 -1.21 21.82 9.36
CA LYS A 268 -1.82 20.85 10.27
C LYS A 268 -3.20 20.37 9.77
N ASP A 269 -3.98 21.27 9.19
CA ASP A 269 -5.31 20.95 8.65
C ASP A 269 -5.25 20.37 7.23
N ARG A 270 -4.13 20.57 6.56
CA ARG A 270 -4.00 20.24 5.15
C ARG A 270 -3.98 18.73 4.92
N MET A 271 -4.51 18.33 3.76
CA MET A 271 -4.46 16.93 3.32
C MET A 271 -3.05 16.37 3.46
N ASP A 272 -2.91 15.15 3.94
CA ASP A 272 -1.57 14.54 3.93
C ASP A 272 -1.42 13.54 2.77
N PHE A 273 -0.25 12.92 2.67
CA PHE A 273 0.06 12.14 1.49
C PHE A 273 -0.83 10.92 1.31
N ASP A 274 -1.05 10.16 2.37
CA ASP A 274 -1.91 8.99 2.25
C ASP A 274 -3.32 9.39 1.78
N GLU A 275 -3.85 10.46 2.33
CA GLU A 275 -5.16 10.97 1.92
C GLU A 275 -5.16 11.40 0.43
N PHE A 276 -4.12 12.13 0.02
CA PHE A 276 -3.98 12.53 -1.37
C PHE A 276 -3.89 11.32 -2.33
N PHE A 277 -3.03 10.35 -1.99
CA PHE A 277 -2.80 9.19 -2.85
C PHE A 277 -4.06 8.33 -3.05
N HIS A 278 -4.92 8.30 -2.04
CA HIS A 278 -6.13 7.51 -2.12
C HIS A 278 -7.41 8.31 -2.34
N HIS A 279 -7.30 9.57 -2.76
CA HIS A 279 -8.51 10.35 -2.95
C HIS A 279 -9.33 9.77 -4.12
N PRO A 280 -10.64 9.66 -3.94
CA PRO A 280 -11.47 9.04 -4.96
C PRO A 280 -11.42 9.75 -6.30
N PHE A 281 -11.15 11.05 -6.31
CA PHE A 281 -11.05 11.77 -7.58
C PHE A 281 -9.98 11.13 -8.48
N LEU A 282 -8.92 10.60 -7.88
CA LEU A 282 -7.88 9.93 -8.61
C LEU A 282 -8.26 8.54 -9.15
N ASP A 283 -9.44 8.05 -8.76
CA ASP A 283 -9.98 6.80 -9.30
C ASP A 283 -10.98 7.09 -10.41
N ALA A 284 -12.07 7.75 -10.03
CA ALA A 284 -13.15 8.08 -10.95
C ALA A 284 -13.89 9.34 -10.50
N THR B 12 10.76 2.10 47.21
CA THR B 12 9.76 2.59 46.26
C THR B 12 10.10 4.01 45.83
N GLU B 13 10.39 4.19 44.54
CA GLU B 13 10.71 5.50 43.99
C GLU B 13 9.57 6.07 43.16
N THR B 14 9.68 7.36 42.81
CA THR B 14 8.63 8.03 42.06
C THR B 14 9.17 8.76 40.83
N VAL B 15 8.78 8.31 39.65
CA VAL B 15 9.11 9.00 38.43
C VAL B 15 7.84 9.66 37.89
N GLY B 16 7.72 10.97 38.10
CA GLY B 16 6.53 11.69 37.68
C GLY B 16 5.28 11.19 38.39
N LYS B 17 4.26 10.85 37.62
CA LYS B 17 3.01 10.34 38.17
C LYS B 17 3.08 8.85 38.50
N PHE B 18 4.27 8.27 38.37
CA PHE B 18 4.43 6.82 38.51
C PHE B 18 5.29 6.44 39.71
N GLU B 19 5.24 5.16 40.07
CA GLU B 19 5.99 4.62 41.20
C GLU B 19 6.41 3.16 40.94
N PHE B 20 7.45 2.72 41.62
CA PHE B 20 7.96 1.38 41.47
C PHE B 20 8.96 1.09 42.59
N SER B 21 9.24 -0.18 42.85
CA SER B 21 10.30 -0.54 43.80
C SER B 21 11.18 -1.60 43.16
N ARG B 22 12.44 -1.64 43.57
CA ARG B 22 13.43 -2.39 42.82
C ARG B 22 13.40 -3.91 43.07
N LYS B 23 12.43 -4.36 43.87
CA LYS B 23 12.22 -5.78 44.09
C LYS B 23 11.67 -6.51 42.86
N ASP B 24 10.81 -5.84 42.09
CA ASP B 24 10.15 -6.48 40.95
C ASP B 24 11.01 -6.51 39.70
N LEU B 25 12.10 -7.27 39.73
CA LEU B 25 12.93 -7.41 38.55
C LEU B 25 12.13 -8.05 37.42
N ILE B 26 11.83 -7.27 36.39
CA ILE B 26 11.09 -7.77 35.24
C ILE B 26 12.06 -8.32 34.20
N GLY B 27 13.19 -7.64 34.05
CA GLY B 27 14.20 -8.00 33.07
C GLY B 27 15.54 -7.40 33.45
N HIS B 28 16.61 -8.09 33.07
CA HIS B 28 17.96 -7.62 33.34
C HIS B 28 18.80 -7.70 32.06
N GLY B 29 19.44 -6.60 31.71
CA GLY B 29 20.29 -6.56 30.53
C GLY B 29 21.59 -5.85 30.83
N ALA B 30 22.58 -6.02 29.97
CA ALA B 30 23.86 -5.36 30.13
C ALA B 30 23.69 -3.84 30.17
N PHE B 31 22.64 -3.34 29.52
CA PHE B 31 22.47 -1.90 29.34
C PHE B 31 21.20 -1.34 29.94
N ALA B 32 20.45 -2.17 30.65
CA ALA B 32 19.28 -1.68 31.36
C ALA B 32 18.79 -2.68 32.38
N VAL B 33 18.13 -2.18 33.42
N VAL B 33 18.15 -2.16 33.43
CA VAL B 33 17.44 -3.03 34.38
CA VAL B 33 17.43 -2.98 34.39
C VAL B 33 15.99 -2.56 34.55
C VAL B 33 15.98 -2.54 34.34
N VAL B 34 15.05 -3.49 34.43
CA VAL B 34 13.63 -3.14 34.34
C VAL B 34 12.79 -3.72 35.48
N PHE B 35 12.10 -2.83 36.18
CA PHE B 35 11.22 -3.20 37.29
C PHE B 35 9.75 -2.95 36.94
N LYS B 36 8.87 -3.64 37.65
CA LYS B 36 7.44 -3.46 37.51
C LYS B 36 6.99 -2.31 38.40
N GLY B 37 6.04 -1.52 37.92
CA GLY B 37 5.57 -0.37 38.67
C GLY B 37 4.10 -0.13 38.43
N ARG B 38 3.61 1.04 38.86
CA ARG B 38 2.23 1.41 38.63
C ARG B 38 2.05 2.91 38.69
N HIS B 39 0.97 3.38 38.07
CA HIS B 39 0.53 4.75 38.21
C HIS B 39 0.11 4.98 39.66
N ARG B 40 0.49 6.12 40.22
CA ARG B 40 0.25 6.39 41.64
C ARG B 40 -1.23 6.57 41.94
N ALA B 41 -1.97 7.16 40.99
CA ALA B 41 -3.41 7.28 41.10
C ALA B 41 -4.10 5.96 40.74
N ALA B 42 -4.12 5.64 39.46
CA ALA B 42 -4.71 4.39 38.99
C ALA B 42 -3.75 3.21 39.21
N HIS B 43 -3.84 2.60 40.39
CA HIS B 43 -2.98 1.48 40.76
C HIS B 43 -3.13 0.27 39.84
N ASP B 44 -4.27 0.18 39.16
CA ASP B 44 -4.50 -0.90 38.21
C ASP B 44 -3.68 -0.71 36.93
N LEU B 45 -3.10 0.48 36.73
CA LEU B 45 -2.27 0.71 35.56
C LEU B 45 -0.83 0.33 35.88
N GLU B 46 -0.41 -0.83 35.37
CA GLU B 46 0.95 -1.32 35.54
C GLU B 46 1.88 -0.74 34.49
N VAL B 47 3.04 -0.27 34.93
CA VAL B 47 4.10 0.17 34.02
C VAL B 47 5.38 -0.59 34.30
N ALA B 48 6.23 -0.69 33.28
CA ALA B 48 7.59 -1.21 33.44
C ALA B 48 8.54 -0.03 33.40
N VAL B 49 9.31 0.15 34.47
CA VAL B 49 10.23 1.28 34.53
C VAL B 49 11.64 0.82 34.16
N LYS B 50 12.14 1.32 33.04
CA LYS B 50 13.46 0.93 32.54
C LYS B 50 14.52 1.81 33.17
N CYS B 51 15.57 1.21 33.71
CA CYS B 51 16.57 1.96 34.48
C CYS B 51 18.00 1.74 33.98
N ILE B 52 18.84 2.73 34.23
CA ILE B 52 20.26 2.63 33.93
C ILE B 52 20.93 1.47 34.67
N ASN B 53 21.65 0.61 33.95
CA ASN B 53 22.47 -0.42 34.57
C ASN B 53 23.87 0.11 34.83
N LYS B 54 24.20 0.27 36.10
CA LYS B 54 25.43 0.94 36.49
C LYS B 54 26.70 0.11 36.31
N LYS B 55 26.57 -1.12 35.82
CA LYS B 55 27.76 -1.91 35.49
C LYS B 55 28.40 -1.30 34.25
N ASN B 56 27.53 -0.85 33.33
CA ASN B 56 27.95 -0.14 32.14
C ASN B 56 27.29 1.24 32.11
N LEU B 57 27.57 2.06 33.12
CA LEU B 57 26.86 3.32 33.30
C LEU B 57 26.83 4.23 32.07
N ALA B 58 27.99 4.51 31.50
CA ALA B 58 28.11 5.44 30.38
C ALA B 58 27.26 5.02 29.18
N LYS B 59 27.44 3.77 28.75
CA LYS B 59 26.75 3.26 27.58
C LYS B 59 25.25 3.16 27.86
N SER B 60 24.91 2.68 29.05
CA SER B 60 23.51 2.52 29.45
C SER B 60 22.74 3.83 29.37
N GLN B 61 23.30 4.88 29.96
CA GLN B 61 22.72 6.22 29.89
C GLN B 61 22.56 6.72 28.46
N THR B 62 23.55 6.48 27.61
CA THR B 62 23.46 6.94 26.22
C THR B 62 22.38 6.18 25.47
N LEU B 63 22.32 4.86 25.67
CA LEU B 63 21.33 4.03 24.99
C LEU B 63 19.91 4.40 25.38
N LEU B 64 19.70 4.58 26.67
CA LEU B 64 18.38 4.92 27.18
C LEU B 64 17.97 6.31 26.67
N GLY B 65 18.94 7.22 26.56
CA GLY B 65 18.70 8.53 26.00
C GLY B 65 18.29 8.45 24.53
N LYS B 66 18.99 7.62 23.76
CA LYS B 66 18.66 7.38 22.35
C LYS B 66 17.27 6.76 22.20
N GLU B 67 16.98 5.73 23.01
CA GLU B 67 15.69 5.06 22.94
C GLU B 67 14.55 6.04 23.21
N ILE B 68 14.73 6.96 24.14
CA ILE B 68 13.70 7.97 24.40
C ILE B 68 13.40 8.81 23.15
N LYS B 69 14.44 9.30 22.50
CA LYS B 69 14.26 10.18 21.34
C LYS B 69 13.59 9.45 20.17
N ILE B 70 13.87 8.16 20.02
CA ILE B 70 13.21 7.35 19.00
C ILE B 70 11.75 6.99 19.34
N LEU B 71 11.52 6.50 20.56
CA LEU B 71 10.18 6.08 20.97
C LEU B 71 9.18 7.23 20.99
N LYS B 72 9.67 8.43 21.26
CA LYS B 72 8.82 9.62 21.20
C LYS B 72 8.15 9.77 19.84
N GLU B 73 8.76 9.23 18.80
CA GLU B 73 8.23 9.38 17.44
C GLU B 73 7.40 8.19 16.99
N LEU B 74 7.29 7.18 17.86
CA LEU B 74 6.67 5.92 17.49
C LEU B 74 5.45 5.58 18.35
N LYS B 75 4.28 5.89 17.85
CA LYS B 75 3.05 5.52 18.54
C LYS B 75 2.36 4.45 17.74
N HIS B 76 2.16 3.28 18.36
CA HIS B 76 1.63 2.13 17.64
C HIS B 76 1.28 1.02 18.64
N GLU B 77 0.19 0.31 18.39
CA GLU B 77 -0.16 -0.76 19.31
C GLU B 77 0.98 -1.77 19.45
N ASN B 78 1.73 -1.99 18.37
CA ASN B 78 2.65 -3.11 18.34
C ASN B 78 4.10 -2.66 18.54
N ILE B 79 4.23 -1.50 19.16
CA ILE B 79 5.50 -1.01 19.65
C ILE B 79 5.27 -0.68 21.11
N VAL B 80 6.09 -1.23 22.01
CA VAL B 80 5.85 -1.01 23.43
C VAL B 80 5.85 0.49 23.69
N ALA B 81 4.80 0.98 24.35
CA ALA B 81 4.61 2.42 24.39
C ALA B 81 5.44 3.10 25.47
N LEU B 82 5.97 4.27 25.13
CA LEU B 82 6.58 5.13 26.12
C LEU B 82 5.49 6.02 26.69
N TYR B 83 5.09 5.71 27.92
CA TYR B 83 4.10 6.52 28.64
C TYR B 83 4.69 7.85 29.05
N ASP B 84 5.87 7.81 29.65
CA ASP B 84 6.56 9.00 30.06
C ASP B 84 8.03 8.66 30.28
N PHE B 85 8.80 9.66 30.66
CA PHE B 85 10.22 9.46 30.86
C PHE B 85 10.76 10.58 31.72
N GLN B 86 11.94 10.35 32.27
CA GLN B 86 12.61 11.38 33.04
C GLN B 86 14.10 11.27 32.78
N GLU B 87 14.61 12.25 32.05
CA GLU B 87 15.99 12.33 31.64
C GLU B 87 16.63 13.46 32.44
N MET B 88 17.68 13.15 33.19
CA MET B 88 18.42 14.16 33.95
C MET B 88 19.91 13.99 33.72
N ALA B 89 20.71 14.85 34.34
CA ALA B 89 22.15 14.83 34.11
C ALA B 89 22.75 13.46 34.46
N ASN B 90 22.33 12.91 35.59
CA ASN B 90 22.92 11.67 36.10
C ASN B 90 21.92 10.53 36.25
N SER B 91 20.76 10.66 35.59
CA SER B 91 19.74 9.65 35.69
C SER B 91 18.78 9.71 34.50
N VAL B 92 18.37 8.53 34.04
CA VAL B 92 17.40 8.41 32.97
C VAL B 92 16.39 7.32 33.33
N TYR B 93 15.10 7.64 33.23
CA TYR B 93 14.06 6.64 33.43
C TYR B 93 13.10 6.64 32.25
N LEU B 94 12.63 5.46 31.87
CA LEU B 94 11.61 5.31 30.84
C LEU B 94 10.42 4.57 31.44
N VAL B 95 9.26 5.21 31.43
CA VAL B 95 8.05 4.56 31.93
C VAL B 95 7.36 3.86 30.77
N MET B 96 7.47 2.54 30.72
CA MET B 96 6.97 1.77 29.59
C MET B 96 5.61 1.13 29.87
N GLU B 97 4.87 0.88 28.80
CA GLU B 97 3.71 0.00 28.83
C GLU B 97 4.07 -1.35 29.42
N TYR B 98 3.23 -1.88 30.31
CA TYR B 98 3.49 -3.21 30.86
C TYR B 98 2.83 -4.27 29.98
N CYS B 99 3.60 -5.30 29.66
CA CYS B 99 3.10 -6.42 28.88
C CYS B 99 3.06 -7.67 29.75
N ASN B 100 1.89 -8.29 29.88
CA ASN B 100 1.67 -9.33 30.89
C ASN B 100 1.97 -10.77 30.45
N GLY B 101 2.43 -10.95 29.22
CA GLY B 101 2.69 -12.28 28.71
C GLY B 101 4.16 -12.65 28.54
N GLY B 102 5.05 -11.79 29.01
CA GLY B 102 6.48 -12.02 28.87
C GLY B 102 6.94 -11.79 27.45
N ASP B 103 8.17 -12.18 27.13
CA ASP B 103 8.65 -12.01 25.77
C ASP B 103 8.47 -13.31 24.99
N LEU B 104 8.68 -13.22 23.67
CA LEU B 104 8.46 -14.33 22.76
C LEU B 104 9.48 -15.45 23.02
N ALA B 105 10.62 -15.05 23.58
CA ALA B 105 11.67 -15.99 23.92
C ALA B 105 11.20 -16.94 25.02
N ASP B 106 10.88 -16.38 26.19
CA ASP B 106 10.40 -17.18 27.30
C ASP B 106 9.15 -17.99 26.92
N TYR B 107 8.35 -17.47 25.98
CA TYR B 107 7.10 -18.12 25.55
C TYR B 107 7.34 -19.27 24.57
N LEU B 108 8.20 -19.02 23.59
CA LEU B 108 8.54 -20.03 22.59
C LEU B 108 9.27 -21.20 23.24
N HIS B 109 9.99 -20.93 24.32
CA HIS B 109 10.67 -21.97 25.09
C HIS B 109 9.67 -23.04 25.53
N ALA B 110 8.58 -22.58 26.14
CA ALA B 110 7.59 -23.47 26.74
C ALA B 110 6.72 -24.18 25.70
N MET B 111 6.50 -23.52 24.56
CA MET B 111 5.59 -24.03 23.53
C MET B 111 6.26 -24.94 22.50
N ARG B 112 7.59 -24.90 22.44
CA ARG B 112 8.38 -25.69 21.49
C ARG B 112 8.32 -25.09 20.08
N THR B 113 7.13 -25.14 19.46
CA THR B 113 6.90 -24.45 18.19
C THR B 113 5.52 -23.80 18.20
N LEU B 114 5.28 -22.90 17.25
CA LEU B 114 3.98 -22.25 17.11
C LEU B 114 3.28 -22.71 15.85
N SER B 115 1.96 -22.84 15.92
CA SER B 115 1.16 -23.16 14.74
C SER B 115 1.20 -22.02 13.75
N GLU B 116 0.93 -22.31 12.48
CA GLU B 116 1.00 -21.30 11.43
C GLU B 116 -0.02 -20.19 11.64
N ASP B 117 -1.17 -20.55 12.21
CA ASP B 117 -2.20 -19.55 12.49
C ASP B 117 -1.69 -18.54 13.52
N THR B 118 -0.94 -19.02 14.50
CA THR B 118 -0.40 -18.17 15.54
C THR B 118 0.76 -17.34 15.00
N ILE B 119 1.59 -17.96 14.16
CA ILE B 119 2.68 -17.24 13.52
C ILE B 119 2.13 -16.10 12.69
N ARG B 120 1.02 -16.34 12.00
CA ARG B 120 0.41 -15.29 11.17
C ARG B 120 -0.13 -14.17 12.05
N LEU B 121 -0.86 -14.52 13.10
CA LEU B 121 -1.38 -13.53 14.04
C LEU B 121 -0.26 -12.61 14.52
N PHE B 122 0.82 -13.22 14.98
CA PHE B 122 1.96 -12.48 15.50
C PHE B 122 2.66 -11.65 14.41
N LEU B 123 2.84 -12.23 13.22
CA LEU B 123 3.58 -11.59 12.15
C LEU B 123 2.81 -10.43 11.51
N GLN B 124 1.48 -10.54 11.48
CA GLN B 124 0.66 -9.43 11.00
C GLN B 124 0.91 -8.20 11.82
N GLN B 125 1.06 -8.41 13.13
CA GLN B 125 1.29 -7.31 14.06
C GLN B 125 2.70 -6.77 13.97
N ILE B 126 3.69 -7.66 13.90
CA ILE B 126 5.06 -7.23 13.65
C ILE B 126 5.15 -6.41 12.36
N ALA B 127 4.50 -6.90 11.30
CA ALA B 127 4.52 -6.23 10.02
C ALA B 127 3.88 -4.83 10.11
N GLY B 128 2.86 -4.69 10.95
CA GLY B 128 2.23 -3.40 11.16
C GLY B 128 3.23 -2.42 11.76
N ALA B 129 3.94 -2.87 12.79
CA ALA B 129 4.99 -2.07 13.42
C ALA B 129 6.10 -1.73 12.42
N MET B 130 6.51 -2.72 11.62
CA MET B 130 7.61 -2.47 10.67
C MET B 130 7.17 -1.49 9.58
N ARG B 131 5.88 -1.45 9.29
CA ARG B 131 5.39 -0.48 8.32
C ARG B 131 5.55 0.94 8.87
N LEU B 132 5.32 1.12 10.18
CA LEU B 132 5.51 2.46 10.77
C LEU B 132 6.99 2.84 10.76
N LEU B 133 7.85 1.90 11.20
N LEU B 133 7.85 1.91 11.18
CA LEU B 133 9.29 2.16 11.20
CA LEU B 133 9.29 2.18 11.21
C LEU B 133 9.77 2.55 9.80
C LEU B 133 9.81 2.52 9.82
N HIS B 134 9.40 1.75 8.81
CA HIS B 134 9.84 1.98 7.44
C HIS B 134 9.35 3.33 6.87
N SER B 135 8.12 3.71 7.17
CA SER B 135 7.62 5.01 6.72
C SER B 135 8.34 6.15 7.45
N LYS B 136 8.85 5.91 8.65
CA LYS B 136 9.64 6.92 9.35
C LYS B 136 11.12 6.94 8.93
N GLY B 137 11.57 5.94 8.18
CA GLY B 137 12.97 5.84 7.82
C GLY B 137 13.82 5.32 8.97
N ILE B 138 13.22 4.51 9.84
CA ILE B 138 13.94 3.98 11.01
C ILE B 138 14.26 2.49 10.87
N ILE B 139 15.47 2.09 11.24
CA ILE B 139 15.78 0.66 11.29
C ILE B 139 16.04 0.27 12.75
N HIS B 140 15.58 -0.92 13.14
CA HIS B 140 15.62 -1.34 14.55
C HIS B 140 16.97 -1.94 14.92
N ARG B 141 17.43 -2.91 14.13
CA ARG B 141 18.78 -3.49 14.24
C ARG B 141 19.02 -4.47 15.39
N ASP B 142 18.02 -4.73 16.24
CA ASP B 142 18.19 -5.77 17.27
C ASP B 142 16.93 -6.62 17.45
N LEU B 143 16.31 -7.01 16.33
CA LEU B 143 15.10 -7.80 16.39
C LEU B 143 15.46 -9.25 16.70
N LYS B 144 14.79 -9.79 17.70
CA LYS B 144 15.00 -11.16 18.20
C LYS B 144 13.80 -11.51 19.11
N PRO B 145 13.55 -12.81 19.34
CA PRO B 145 12.35 -13.15 20.11
C PRO B 145 12.31 -12.49 21.49
N GLN B 146 13.48 -12.24 22.08
CA GLN B 146 13.54 -11.61 23.40
C GLN B 146 13.09 -10.16 23.39
N ASN B 147 13.07 -9.55 22.21
CA ASN B 147 12.63 -8.16 22.04
C ASN B 147 11.24 -8.05 21.42
N ILE B 148 10.54 -9.19 21.42
CA ILE B 148 9.12 -9.22 21.10
C ILE B 148 8.33 -9.56 22.35
N LEU B 149 7.56 -8.62 22.83
CA LEU B 149 6.77 -8.83 24.04
C LEU B 149 5.31 -9.20 23.75
N LEU B 150 4.76 -10.04 24.62
CA LEU B 150 3.40 -10.50 24.50
C LEU B 150 2.49 -9.81 25.52
N SER B 151 1.26 -9.52 25.11
CA SER B 151 0.35 -8.87 26.05
C SER B 151 -1.09 -9.25 25.74
N ASN B 152 -1.81 -9.68 26.76
CA ASN B 152 -3.20 -10.07 26.58
C ASN B 152 -4.13 -9.08 27.28
N PRO B 153 -4.85 -8.25 26.51
CA PRO B 153 -5.71 -7.22 27.10
C PRO B 153 -6.82 -7.81 27.94
N ALA B 154 -7.16 -9.07 27.67
CA ALA B 154 -8.24 -9.75 28.37
C ALA B 154 -7.72 -10.41 29.64
N GLY B 155 -6.46 -10.11 29.95
CA GLY B 155 -5.78 -10.62 31.13
C GLY B 155 -4.95 -11.86 30.82
N ARG B 156 -3.97 -12.16 31.66
CA ARG B 156 -3.33 -13.46 31.62
C ARG B 156 -4.41 -14.52 31.91
N ARG B 157 -4.19 -15.72 31.38
CA ARG B 157 -5.13 -16.83 31.51
C ARG B 157 -6.33 -16.65 30.58
N ALA B 158 -6.30 -15.60 29.76
CA ALA B 158 -7.29 -15.44 28.72
C ALA B 158 -6.84 -16.19 27.47
N ASN B 159 -7.69 -16.19 26.44
CA ASN B 159 -7.40 -16.92 25.21
C ASN B 159 -6.17 -16.39 24.47
N PRO B 160 -5.29 -17.32 24.04
CA PRO B 160 -4.10 -17.01 23.24
C PRO B 160 -4.38 -16.21 21.96
N ASN B 161 -5.56 -16.38 21.38
CA ASN B 161 -5.93 -15.65 20.17
C ASN B 161 -6.09 -14.17 20.43
N SER B 162 -6.16 -13.79 21.70
CA SER B 162 -6.26 -12.38 22.07
C SER B 162 -4.87 -11.78 22.32
N ILE B 163 -3.83 -12.56 22.08
CA ILE B 163 -2.48 -12.08 22.37
C ILE B 163 -1.99 -11.05 21.35
N ARG B 164 -1.58 -9.90 21.87
CA ARG B 164 -1.03 -8.82 21.08
C ARG B 164 0.47 -8.77 21.29
N VAL B 165 1.24 -8.56 20.22
CA VAL B 165 2.69 -8.56 20.35
C VAL B 165 3.26 -7.19 20.03
N LYS B 166 4.37 -6.86 20.70
CA LYS B 166 4.91 -5.52 20.63
C LYS B 166 6.43 -5.56 20.56
N ILE B 167 6.98 -4.69 19.74
CA ILE B 167 8.43 -4.61 19.56
C ILE B 167 9.06 -3.72 20.63
N ALA B 168 10.16 -4.19 21.19
CA ALA B 168 10.84 -3.51 22.30
C ALA B 168 12.30 -3.18 21.98
N ASP B 169 12.93 -2.40 22.86
CA ASP B 169 14.35 -2.10 22.84
C ASP B 169 14.80 -1.39 21.57
N PHE B 170 14.63 -0.08 21.57
CA PHE B 170 15.03 0.72 20.42
C PHE B 170 16.33 1.48 20.65
N GLY B 171 17.12 1.02 21.61
CA GLY B 171 18.41 1.63 21.91
C GLY B 171 19.44 1.60 20.78
N PHE B 172 19.34 0.61 19.89
CA PHE B 172 20.25 0.44 18.77
C PHE B 172 19.67 0.97 17.45
N ALA B 173 18.46 1.50 17.52
CA ALA B 173 17.78 1.95 16.33
C ALA B 173 18.38 3.26 15.81
N ARG B 174 18.22 3.49 14.52
CA ARG B 174 18.68 4.73 13.90
C ARG B 174 17.82 5.11 12.72
N TYR B 175 17.78 6.41 12.42
CA TYR B 175 17.32 6.87 11.13
C TYR B 175 18.36 6.49 10.05
N LEU B 176 17.88 5.98 8.92
CA LEU B 176 18.77 5.78 7.78
C LEU B 176 18.15 6.44 6.55
N GLN B 177 18.85 7.42 5.99
CA GLN B 177 18.33 8.14 4.84
C GLN B 177 18.31 7.20 3.63
N SER B 178 17.32 7.34 2.72
CA SER B 178 17.10 6.32 1.68
C SER B 178 18.26 6.15 0.68
N ASN B 179 19.14 7.15 0.56
CA ASN B 179 20.35 7.01 -0.27
C ASN B 179 21.61 6.68 0.50
N MET B 180 21.44 6.24 1.75
N MET B 180 21.52 6.29 1.76
CA MET B 180 22.57 5.93 2.61
CA MET B 180 22.75 5.89 2.43
C MET B 180 22.57 4.47 3.07
C MET B 180 22.59 4.58 3.17
N MET B 181 23.72 4.05 3.59
N MET B 181 23.73 4.00 3.52
CA MET B 181 23.89 2.71 4.17
CA MET B 181 23.75 2.72 4.22
C MET B 181 24.46 2.80 5.59
C MET B 181 24.36 2.87 5.62
N ALA B 182 24.03 1.91 6.47
CA ALA B 182 24.55 1.87 7.84
C ALA B 182 25.74 0.90 7.89
N ALA B 183 26.60 1.05 8.89
CA ALA B 183 27.78 0.19 9.02
C ALA B 183 28.09 -0.23 10.45
N TPO B 184 27.36 0.31 11.42
CA TPO B 184 27.60 -0.02 12.79
CB TPO B 184 26.77 0.83 13.76
CG2 TPO B 184 27.10 0.41 15.17
OG1 TPO B 184 27.20 2.19 13.61
P TPO B 184 26.06 3.24 13.16
O1P TPO B 184 25.24 2.72 11.89
O2P TPO B 184 26.83 4.60 12.81
O3P TPO B 184 25.10 3.48 14.26
C TPO B 184 27.33 -1.49 13.06
O TPO B 184 26.28 -2.00 12.74
N LEU B 185 28.32 -2.19 13.63
CA LEU B 185 28.11 -3.58 14.00
C LEU B 185 27.32 -3.63 15.28
N CYS B 186 26.04 -4.00 15.17
CA CYS B 186 25.22 -4.25 16.36
C CYS B 186 24.15 -5.30 16.08
N GLY B 187 23.51 -5.77 17.14
CA GLY B 187 22.49 -6.80 17.03
C GLY B 187 22.99 -8.07 17.69
N SER B 188 22.18 -9.12 17.62
CA SER B 188 22.54 -10.42 18.16
C SER B 188 22.93 -11.38 17.03
N PRO B 189 24.13 -11.98 17.13
CA PRO B 189 24.73 -12.72 16.03
C PRO B 189 23.83 -13.76 15.37
N MET B 190 22.98 -14.45 16.14
CA MET B 190 22.09 -15.43 15.55
C MET B 190 20.94 -14.78 14.75
N TYR B 191 20.75 -13.48 14.90
CA TYR B 191 19.67 -12.80 14.17
C TYR B 191 20.19 -11.69 13.24
N MET B 192 21.50 -11.49 13.19
CA MET B 192 22.07 -10.51 12.27
C MET B 192 21.99 -10.99 10.82
N ALA B 193 21.65 -10.08 9.93
CA ALA B 193 21.74 -10.33 8.50
C ALA B 193 23.20 -10.67 8.17
N PRO B 194 23.41 -11.49 7.15
CA PRO B 194 24.80 -11.83 6.80
C PRO B 194 25.62 -10.59 6.50
N GLU B 195 25.04 -9.62 5.79
CA GLU B 195 25.79 -8.41 5.45
C GLU B 195 26.23 -7.70 6.72
N VAL B 196 25.44 -7.82 7.78
CA VAL B 196 25.76 -7.17 9.05
C VAL B 196 26.92 -7.88 9.76
N ILE B 197 26.81 -9.19 9.92
CA ILE B 197 27.83 -9.93 10.67
C ILE B 197 29.16 -10.00 9.90
N MET B 198 29.08 -9.82 8.58
CA MET B 198 30.30 -9.79 7.76
C MET B 198 30.90 -8.39 7.74
N SER B 199 30.39 -7.50 8.58
CA SER B 199 30.93 -6.14 8.67
C SER B 199 30.85 -5.36 7.35
N GLN B 200 29.77 -5.56 6.61
CA GLN B 200 29.54 -4.82 5.39
C GLN B 200 28.52 -3.69 5.63
N HIS B 201 28.29 -2.86 4.61
CA HIS B 201 27.25 -1.85 4.69
C HIS B 201 25.91 -2.57 4.53
N TYR B 202 24.85 -1.98 5.07
CA TYR B 202 23.54 -2.61 5.08
C TYR B 202 22.45 -1.57 5.20
N ASP B 203 21.20 -1.97 4.96
CA ASP B 203 20.08 -1.05 5.08
C ASP B 203 18.92 -1.67 5.85
N GLY B 204 17.73 -1.13 5.65
CA GLY B 204 16.53 -1.63 6.31
C GLY B 204 16.25 -3.11 6.09
N LYS B 205 16.72 -3.65 4.97
CA LYS B 205 16.46 -5.05 4.66
C LYS B 205 17.16 -6.00 5.63
N ALA B 206 18.12 -5.49 6.40
CA ALA B 206 18.76 -6.32 7.43
C ALA B 206 17.73 -6.77 8.48
N ASP B 207 16.83 -5.87 8.86
CA ASP B 207 15.74 -6.22 9.79
C ASP B 207 14.88 -7.36 9.28
N LEU B 208 14.69 -7.41 7.96
CA LEU B 208 13.83 -8.42 7.36
C LEU B 208 14.45 -9.81 7.47
N TRP B 209 15.77 -9.90 7.42
CA TRP B 209 16.45 -11.17 7.70
C TRP B 209 16.14 -11.62 9.12
N SER B 210 16.22 -10.67 10.04
CA SER B 210 15.96 -10.98 11.44
C SER B 210 14.53 -11.48 11.64
N ILE B 211 13.60 -10.86 10.92
CA ILE B 211 12.20 -11.28 10.99
C ILE B 211 12.04 -12.69 10.40
N GLY B 212 12.72 -12.95 9.30
CA GLY B 212 12.72 -14.30 8.73
C GLY B 212 13.22 -15.38 9.68
N THR B 213 14.29 -15.11 10.40
CA THR B 213 14.83 -16.13 11.30
C THR B 213 13.88 -16.33 12.49
N ILE B 214 13.22 -15.25 12.92
CA ILE B 214 12.25 -15.37 14.01
C ILE B 214 11.06 -16.23 13.60
N VAL B 215 10.52 -15.98 12.41
CA VAL B 215 9.40 -16.77 11.92
C VAL B 215 9.82 -18.24 11.81
N TYR B 216 11.05 -18.45 11.35
CA TYR B 216 11.60 -19.77 11.19
C TYR B 216 11.70 -20.52 12.52
N GLN B 217 12.11 -19.80 13.55
CA GLN B 217 12.26 -20.38 14.86
C GLN B 217 10.89 -20.77 15.44
N CYS B 218 9.90 -19.91 15.22
CA CYS B 218 8.53 -20.17 15.68
C CYS B 218 7.95 -21.40 15.00
N LEU B 219 8.28 -21.55 13.72
CA LEU B 219 7.78 -22.67 12.94
C LEU B 219 8.49 -23.99 13.31
N THR B 220 9.81 -23.94 13.44
CA THR B 220 10.62 -25.14 13.62
C THR B 220 11.09 -25.39 15.06
N GLY B 221 11.36 -24.30 15.78
CA GLY B 221 11.92 -24.41 17.11
C GLY B 221 13.44 -24.27 17.05
N LYS B 222 13.97 -24.21 15.84
CA LYS B 222 15.40 -24.11 15.62
C LYS B 222 15.77 -22.87 14.83
N ALA B 223 16.99 -22.39 15.00
CA ALA B 223 17.52 -21.38 14.11
C ALA B 223 17.68 -22.00 12.73
N PRO B 224 17.54 -21.19 11.68
CA PRO B 224 17.70 -21.68 10.31
C PRO B 224 19.12 -22.15 10.04
N PHE B 225 20.10 -21.42 10.56
CA PHE B 225 21.50 -21.77 10.38
C PHE B 225 22.23 -21.73 11.71
N GLN B 226 22.36 -22.88 12.34
CA GLN B 226 23.03 -22.94 13.63
C GLN B 226 24.54 -23.00 13.41
N ALA B 227 25.30 -22.65 14.44
CA ALA B 227 26.75 -22.63 14.34
C ALA B 227 27.38 -22.71 15.72
N SER B 228 28.61 -23.20 15.78
CA SER B 228 29.29 -23.44 17.05
C SER B 228 29.77 -22.15 17.73
N SER B 229 29.54 -21.01 17.10
CA SER B 229 29.92 -19.71 17.65
C SER B 229 29.55 -18.59 16.70
N PRO B 230 29.74 -17.32 17.13
CA PRO B 230 29.47 -16.19 16.24
C PRO B 230 30.48 -16.13 15.10
N GLN B 231 31.77 -16.27 15.44
CA GLN B 231 32.83 -16.33 14.44
C GLN B 231 32.58 -17.46 13.45
N ASP B 232 31.98 -18.54 13.94
CA ASP B 232 31.62 -19.69 13.12
C ASP B 232 30.50 -19.35 12.13
N LEU B 233 29.48 -18.62 12.61
CA LEU B 233 28.37 -18.23 11.75
C LEU B 233 28.83 -17.31 10.62
N ARG B 234 29.73 -16.39 10.94
CA ARG B 234 30.28 -15.45 9.96
C ARG B 234 30.98 -16.21 8.83
N LEU B 235 31.92 -17.07 9.19
CA LEU B 235 32.63 -17.89 8.21
C LEU B 235 31.66 -18.70 7.35
N PHE B 236 30.66 -19.28 7.99
CA PHE B 236 29.59 -20.00 7.29
C PHE B 236 28.96 -19.14 6.20
N TYR B 237 28.66 -17.89 6.55
CA TYR B 237 28.05 -16.94 5.63
C TYR B 237 28.99 -16.52 4.52
N GLU B 238 30.27 -16.45 4.83
CA GLU B 238 31.26 -16.03 3.85
C GLU B 238 31.54 -17.12 2.83
N LYS B 239 31.65 -18.36 3.33
CA LYS B 239 31.99 -19.49 2.48
C LYS B 239 30.78 -20.05 1.74
N ASN B 240 29.59 -19.56 2.07
CA ASN B 240 28.37 -19.99 1.39
C ASN B 240 27.69 -18.86 0.66
N LYS B 241 27.97 -18.73 -0.63
CA LYS B 241 27.45 -17.64 -1.44
C LYS B 241 25.95 -17.76 -1.63
N THR B 242 25.39 -18.90 -1.21
CA THR B 242 23.96 -19.12 -1.24
C THR B 242 23.50 -19.79 0.06
N LEU B 243 22.31 -19.41 0.52
CA LEU B 243 21.76 -19.92 1.78
C LEU B 243 20.29 -20.29 1.67
N VAL B 244 20.00 -21.55 1.36
CA VAL B 244 18.61 -22.01 1.34
C VAL B 244 18.26 -22.65 2.69
N PRO B 245 17.26 -22.07 3.37
CA PRO B 245 16.83 -22.64 4.65
C PRO B 245 16.11 -23.97 4.46
N THR B 246 16.24 -24.87 5.43
CA THR B 246 15.52 -26.14 5.38
C THR B 246 14.06 -25.96 5.79
N ILE B 247 13.16 -26.02 4.82
CA ILE B 247 11.73 -25.80 5.08
C ILE B 247 10.92 -27.07 5.00
N PRO B 248 10.34 -27.50 6.12
CA PRO B 248 9.56 -28.74 6.27
C PRO B 248 8.50 -28.92 5.19
N ARG B 249 8.17 -30.17 4.88
CA ARG B 249 7.21 -30.50 3.83
C ARG B 249 5.78 -30.08 4.17
N GLU B 250 5.45 -30.08 5.45
CA GLU B 250 4.09 -29.76 5.89
C GLU B 250 3.80 -28.26 5.87
N THR B 251 4.85 -27.46 5.77
CA THR B 251 4.70 -26.00 5.71
C THR B 251 3.86 -25.56 4.50
N SER B 252 2.86 -24.72 4.73
CA SER B 252 2.04 -24.22 3.63
C SER B 252 2.88 -23.41 2.65
N ALA B 253 2.41 -23.35 1.41
CA ALA B 253 3.13 -22.66 0.35
C ALA B 253 3.41 -21.18 0.66
N PRO B 254 2.38 -20.44 1.11
CA PRO B 254 2.58 -19.03 1.46
C PRO B 254 3.69 -18.84 2.51
N LEU B 255 3.78 -19.73 3.48
CA LEU B 255 4.77 -19.58 4.54
C LEU B 255 6.17 -19.99 4.07
N ARG B 256 6.23 -21.02 3.23
CA ARG B 256 7.53 -21.45 2.68
C ARG B 256 8.12 -20.35 1.82
N GLN B 257 7.30 -19.85 0.90
CA GLN B 257 7.73 -18.80 -0.01
C GLN B 257 8.15 -17.55 0.75
N LEU B 258 7.38 -17.16 1.75
CA LEU B 258 7.71 -16.03 2.59
C LEU B 258 9.08 -16.18 3.24
N LEU B 259 9.31 -17.36 3.82
CA LEU B 259 10.57 -17.64 4.52
C LEU B 259 11.76 -17.60 3.58
N LEU B 260 11.60 -18.18 2.40
CA LEU B 260 12.69 -18.23 1.44
C LEU B 260 13.09 -16.82 0.99
N ALA B 261 12.11 -15.97 0.75
CA ALA B 261 12.39 -14.60 0.28
C ALA B 261 13.00 -13.72 1.37
N LEU B 262 12.70 -14.02 2.63
CA LEU B 262 13.26 -13.24 3.72
C LEU B 262 14.66 -13.74 4.10
N LEU B 263 14.89 -15.04 3.95
CA LEU B 263 16.17 -15.64 4.32
C LEU B 263 17.07 -15.74 3.11
N GLN B 264 17.15 -14.64 2.37
CA GLN B 264 18.03 -14.51 1.21
C GLN B 264 19.37 -13.93 1.65
N ARG B 265 20.45 -14.63 1.38
CA ARG B 265 21.77 -14.21 1.82
C ARG B 265 22.12 -12.79 1.40
N ASN B 266 21.91 -12.47 0.12
CA ASN B 266 22.23 -11.16 -0.40
C ASN B 266 21.06 -10.20 -0.26
N HIS B 267 21.32 -9.03 0.30
CA HIS B 267 20.23 -8.11 0.67
C HIS B 267 19.53 -7.52 -0.55
N LYS B 268 20.23 -7.36 -1.67
CA LYS B 268 19.57 -6.86 -2.87
C LYS B 268 18.56 -7.90 -3.39
N ASP B 269 18.79 -9.17 -3.09
CA ASP B 269 17.89 -10.24 -3.50
C ASP B 269 16.79 -10.52 -2.47
N ARG B 270 16.99 -10.05 -1.25
CA ARG B 270 16.01 -10.25 -0.19
C ARG B 270 14.74 -9.49 -0.54
N MET B 271 13.59 -9.96 -0.08
CA MET B 271 12.35 -9.27 -0.41
C MET B 271 12.32 -7.90 0.26
N ASP B 272 11.75 -6.92 -0.41
CA ASP B 272 11.71 -5.57 0.16
C ASP B 272 10.42 -5.40 0.94
N PHE B 273 10.25 -4.21 1.50
CA PHE B 273 9.17 -4.00 2.47
C PHE B 273 7.81 -4.12 1.82
N ASP B 274 7.64 -3.57 0.63
CA ASP B 274 6.37 -3.63 -0.07
C ASP B 274 5.89 -5.07 -0.21
N GLU B 275 6.81 -5.96 -0.61
CA GLU B 275 6.48 -7.36 -0.79
C GLU B 275 6.10 -8.02 0.53
N PHE B 276 6.83 -7.65 1.59
CA PHE B 276 6.56 -8.17 2.93
C PHE B 276 5.18 -7.72 3.42
N PHE B 277 4.93 -6.41 3.37
CA PHE B 277 3.68 -5.88 3.88
C PHE B 277 2.45 -6.47 3.18
N HIS B 278 2.59 -6.82 1.91
CA HIS B 278 1.45 -7.26 1.12
C HIS B 278 1.54 -8.74 0.75
N HIS B 279 2.40 -9.46 1.46
CA HIS B 279 2.58 -10.88 1.19
C HIS B 279 1.32 -11.67 1.53
N PRO B 280 0.94 -12.59 0.64
CA PRO B 280 -0.29 -13.40 0.74
C PRO B 280 -0.43 -14.20 2.05
N PHE B 281 0.68 -14.49 2.74
CA PHE B 281 0.61 -15.19 4.01
C PHE B 281 -0.11 -14.35 5.07
N LEU B 282 0.05 -13.03 4.99
CA LEU B 282 -0.48 -12.13 5.99
C LEU B 282 -1.98 -11.82 5.81
N ASP B 283 -2.51 -12.06 4.62
CA ASP B 283 -3.93 -11.81 4.37
C ASP B 283 -4.78 -12.74 5.24
N ALA B 284 -5.84 -12.22 5.87
CA ALA B 284 -6.28 -10.82 5.80
C ALA B 284 -6.87 -10.47 4.44
N THR C 12 15.62 -46.76 -36.11
CA THR C 12 16.35 -45.78 -36.92
C THR C 12 15.72 -45.58 -38.30
N GLU C 13 15.12 -44.42 -38.51
CA GLU C 13 14.47 -44.10 -39.77
C GLU C 13 15.32 -43.15 -40.59
N THR C 14 15.19 -43.22 -41.91
CA THR C 14 15.99 -42.38 -42.80
C THR C 14 15.14 -41.42 -43.61
N VAL C 15 15.61 -40.19 -43.72
CA VAL C 15 15.00 -39.20 -44.61
C VAL C 15 16.09 -38.67 -45.52
N GLY C 16 16.13 -39.17 -46.75
CA GLY C 16 17.21 -38.80 -47.66
C GLY C 16 18.55 -39.22 -47.08
N LYS C 17 19.45 -38.26 -46.90
CA LYS C 17 20.79 -38.55 -46.41
C LYS C 17 20.89 -38.39 -44.90
N PHE C 18 19.74 -38.18 -44.25
CA PHE C 18 19.66 -38.00 -42.80
C PHE C 18 18.99 -39.19 -42.10
N GLU C 19 19.19 -39.31 -40.80
CA GLU C 19 18.55 -40.39 -40.06
C GLU C 19 18.15 -39.93 -38.66
N PHE C 20 17.22 -40.67 -38.05
CA PHE C 20 16.81 -40.37 -36.69
C PHE C 20 16.12 -41.58 -36.07
N SER C 21 16.19 -41.68 -34.75
CA SER C 21 15.36 -42.64 -34.02
C SER C 21 14.27 -41.88 -33.29
N ARG C 22 13.06 -42.43 -33.28
CA ARG C 22 11.96 -41.79 -32.57
C ARG C 22 12.17 -41.85 -31.06
N LYS C 23 13.29 -42.44 -30.64
CA LYS C 23 13.71 -42.42 -29.23
C LYS C 23 14.13 -41.01 -28.84
N ASP C 24 14.59 -40.23 -29.81
CA ASP C 24 15.15 -38.91 -29.54
C ASP C 24 14.15 -37.79 -29.76
N LEU C 25 13.19 -37.67 -28.85
CA LEU C 25 12.14 -36.66 -28.96
C LEU C 25 12.63 -35.31 -28.46
N ILE C 26 12.55 -34.31 -29.34
CA ILE C 26 12.95 -32.94 -29.03
C ILE C 26 11.75 -32.13 -28.59
N GLY C 27 10.64 -32.30 -29.29
CA GLY C 27 9.46 -31.50 -29.02
C GLY C 27 8.19 -32.13 -29.54
N HIS C 28 7.11 -31.93 -28.79
CA HIS C 28 5.83 -32.52 -29.13
C HIS C 28 4.75 -31.45 -29.16
N GLY C 29 4.10 -31.32 -30.30
CA GLY C 29 3.02 -30.36 -30.44
C GLY C 29 1.81 -31.01 -31.08
N ALA C 30 0.69 -30.29 -31.08
CA ALA C 30 -0.55 -30.80 -31.63
C ALA C 30 -0.47 -31.02 -33.15
N PHE C 31 0.51 -30.41 -33.79
CA PHE C 31 0.58 -30.43 -35.25
C PHE C 31 1.95 -30.89 -35.78
N ALA C 32 2.84 -31.24 -34.87
CA ALA C 32 4.13 -31.79 -35.26
C ALA C 32 4.87 -32.45 -34.09
N VAL C 33 5.62 -33.50 -34.40
N VAL C 33 5.68 -33.47 -34.40
CA VAL C 33 6.52 -34.08 -33.44
CA VAL C 33 6.52 -34.12 -33.41
C VAL C 33 7.92 -33.83 -33.97
C VAL C 33 7.98 -34.17 -33.86
N VAL C 34 8.86 -33.59 -33.06
CA VAL C 34 10.23 -33.31 -33.49
C VAL C 34 11.26 -34.20 -32.83
N PHE C 35 12.06 -34.86 -33.65
CA PHE C 35 13.12 -35.72 -33.15
C PHE C 35 14.48 -35.16 -33.48
N LYS C 36 15.48 -35.46 -32.66
CA LYS C 36 16.85 -35.11 -33.03
C LYS C 36 17.37 -36.12 -34.02
N GLY C 37 18.24 -35.69 -34.92
CA GLY C 37 18.75 -36.55 -35.97
C GLY C 37 20.18 -36.22 -36.34
N ARG C 38 20.67 -36.85 -37.39
CA ARG C 38 22.02 -36.59 -37.88
C ARG C 38 22.16 -36.99 -39.35
N HIS C 39 23.13 -36.38 -40.03
CA HIS C 39 23.45 -36.77 -41.39
C HIS C 39 24.02 -38.18 -41.36
N ARG C 40 23.77 -38.96 -42.41
CA ARG C 40 24.14 -40.36 -42.36
C ARG C 40 25.65 -40.59 -42.51
N ALA C 41 26.35 -39.69 -43.18
CA ALA C 41 27.81 -39.79 -43.22
C ALA C 41 28.45 -38.86 -42.18
N ALA C 42 28.16 -37.57 -42.31
CA ALA C 42 28.63 -36.56 -41.35
C ALA C 42 27.89 -36.71 -40.01
N HIS C 43 28.27 -37.73 -39.26
CA HIS C 43 27.61 -38.06 -37.99
C HIS C 43 27.53 -36.89 -37.02
N ASP C 44 28.47 -35.95 -37.13
CA ASP C 44 28.49 -34.82 -36.21
C ASP C 44 27.67 -33.65 -36.72
N LEU C 45 26.97 -33.82 -37.84
CA LEU C 45 26.03 -32.80 -38.29
C LEU C 45 24.66 -33.10 -37.71
N GLU C 46 24.30 -32.35 -36.67
CA GLU C 46 23.01 -32.55 -36.01
C GLU C 46 21.90 -31.86 -36.77
N VAL C 47 20.72 -32.46 -36.74
CA VAL C 47 19.55 -31.86 -37.33
C VAL C 47 18.33 -32.16 -36.46
N ALA C 48 17.28 -31.38 -36.63
CA ALA C 48 16.01 -31.67 -35.98
C ALA C 48 14.99 -32.04 -37.05
N VAL C 49 14.41 -33.23 -36.97
CA VAL C 49 13.44 -33.70 -37.96
C VAL C 49 12.02 -33.48 -37.45
N LYS C 50 11.27 -32.69 -38.21
CA LYS C 50 9.89 -32.37 -37.87
C LYS C 50 8.95 -33.31 -38.63
N CYS C 51 8.11 -34.04 -37.90
CA CYS C 51 7.21 -35.04 -38.46
C CYS C 51 5.74 -34.77 -38.17
N ILE C 52 4.86 -35.47 -38.88
CA ILE C 52 3.44 -35.35 -38.65
C ILE C 52 3.08 -35.80 -37.23
N ASN C 53 2.11 -35.11 -36.64
CA ASN C 53 1.42 -35.64 -35.48
C ASN C 53 0.14 -36.29 -35.99
N LYS C 54 0.12 -37.62 -36.01
CA LYS C 54 -0.99 -38.33 -36.64
C LYS C 54 -2.27 -38.27 -35.82
N LYS C 55 -2.20 -37.73 -34.60
CA LYS C 55 -3.40 -37.54 -33.81
C LYS C 55 -4.21 -36.34 -34.36
N ASN C 56 -3.54 -35.49 -35.14
CA ASN C 56 -4.21 -34.44 -35.88
C ASN C 56 -3.77 -34.48 -37.33
N LEU C 57 -3.99 -35.63 -37.96
CA LEU C 57 -3.33 -35.99 -39.21
C LEU C 57 -3.47 -34.98 -40.35
N ALA C 58 -4.71 -34.66 -40.72
CA ALA C 58 -4.95 -33.79 -41.85
C ALA C 58 -4.34 -32.40 -41.62
N LYS C 59 -4.61 -31.84 -40.45
CA LYS C 59 -4.19 -30.49 -40.14
C LYS C 59 -2.67 -30.42 -40.03
N SER C 60 -2.08 -31.47 -39.45
CA SER C 60 -0.62 -31.53 -39.30
C SER C 60 0.05 -31.57 -40.67
N GLN C 61 -0.48 -32.41 -41.54
CA GLN C 61 0.01 -32.58 -42.89
C GLN C 61 -0.01 -31.25 -43.63
N THR C 62 -1.14 -30.56 -43.50
CA THR C 62 -1.32 -29.27 -44.16
C THR C 62 -0.31 -28.25 -43.65
N LEU C 63 -0.10 -28.21 -42.33
CA LEU C 63 0.79 -27.22 -41.74
C LEU C 63 2.24 -27.43 -42.13
N LEU C 64 2.68 -28.68 -42.11
CA LEU C 64 4.07 -28.98 -42.46
C LEU C 64 4.29 -28.68 -43.95
N GLY C 65 3.30 -29.01 -44.78
CA GLY C 65 3.37 -28.68 -46.21
C GLY C 65 3.49 -27.19 -46.47
N LYS C 66 2.69 -26.39 -45.76
CA LYS C 66 2.80 -24.94 -45.88
C LYS C 66 4.17 -24.42 -45.40
N GLU C 67 4.69 -25.01 -44.33
CA GLU C 67 6.00 -24.60 -43.82
C GLU C 67 7.10 -24.87 -44.84
N ILE C 68 7.01 -26.00 -45.52
CA ILE C 68 7.98 -26.30 -46.56
C ILE C 68 7.98 -25.23 -47.66
N LYS C 69 6.78 -24.87 -48.13
CA LYS C 69 6.65 -23.92 -49.22
C LYS C 69 7.32 -22.61 -48.84
N ILE C 70 7.08 -22.18 -47.61
CA ILE C 70 7.61 -20.90 -47.12
C ILE C 70 9.11 -20.97 -46.89
N LEU C 71 9.58 -22.04 -46.26
CA LEU C 71 10.99 -22.09 -45.83
C LEU C 71 11.94 -22.32 -46.99
N LYS C 72 11.50 -23.04 -48.01
CA LYS C 72 12.38 -23.27 -49.15
C LYS C 72 12.71 -21.93 -49.84
N GLU C 73 11.97 -20.88 -49.51
CA GLU C 73 12.28 -19.56 -50.04
C GLU C 73 13.04 -18.65 -49.06
N LEU C 74 13.32 -19.15 -47.86
CA LEU C 74 13.94 -18.31 -46.83
C LEU C 74 15.30 -18.80 -46.38
N LYS C 75 16.33 -18.04 -46.73
CA LYS C 75 17.70 -18.35 -46.33
C LYS C 75 18.26 -17.15 -45.57
N HIS C 76 18.45 -17.30 -44.27
CA HIS C 76 18.92 -16.20 -43.42
C HIS C 76 19.54 -16.75 -42.17
N GLU C 77 20.63 -16.13 -41.73
CA GLU C 77 21.36 -16.55 -40.53
C GLU C 77 20.46 -16.67 -39.30
N ASN C 78 19.39 -15.89 -39.26
CA ASN C 78 18.56 -15.86 -38.07
C ASN C 78 17.18 -16.50 -38.30
N ILE C 79 17.09 -17.34 -39.32
CA ILE C 79 15.88 -18.14 -39.56
C ILE C 79 16.34 -19.59 -39.58
N VAL C 80 15.70 -20.46 -38.77
CA VAL C 80 16.11 -21.86 -38.71
C VAL C 80 16.04 -22.43 -40.13
N ALA C 81 17.09 -23.11 -40.55
CA ALA C 81 17.24 -23.46 -41.96
C ALA C 81 16.63 -24.81 -42.30
N LEU C 82 15.96 -24.87 -43.46
CA LEU C 82 15.44 -26.12 -44.00
C LEU C 82 16.52 -26.81 -44.84
N TYR C 83 17.07 -27.93 -44.38
CA TYR C 83 18.13 -28.58 -45.15
C TYR C 83 17.51 -29.44 -46.25
N ASP C 84 16.45 -30.15 -45.91
CA ASP C 84 15.79 -31.00 -46.88
C ASP C 84 14.40 -31.30 -46.34
N PHE C 85 13.62 -32.03 -47.13
CA PHE C 85 12.26 -32.38 -46.74
C PHE C 85 11.81 -33.57 -47.55
N GLN C 86 10.76 -34.22 -47.08
CA GLN C 86 10.20 -35.32 -47.85
C GLN C 86 8.69 -35.34 -47.68
N GLU C 87 7.98 -35.03 -48.75
CA GLU C 87 6.52 -34.98 -48.68
C GLU C 87 5.92 -36.13 -49.49
N MET C 88 5.02 -36.89 -48.86
CA MET C 88 4.33 -38.00 -49.49
C MET C 88 2.83 -37.94 -49.22
N ALA C 89 2.07 -38.89 -49.75
CA ALA C 89 0.62 -38.86 -49.56
C ALA C 89 0.22 -38.91 -48.09
N ASN C 90 0.93 -39.69 -47.29
CA ASN C 90 0.49 -39.90 -45.91
C ASN C 90 1.55 -39.56 -44.86
N SER C 91 2.58 -38.84 -45.27
CA SER C 91 3.66 -38.51 -44.35
C SER C 91 4.40 -37.29 -44.84
N VAL C 92 4.91 -36.49 -43.91
CA VAL C 92 5.68 -35.31 -44.24
C VAL C 92 6.81 -35.16 -43.23
N TYR C 93 8.03 -34.92 -43.72
CA TYR C 93 9.21 -34.76 -42.89
C TYR C 93 9.94 -33.51 -43.31
N LEU C 94 10.41 -32.73 -42.34
CA LEU C 94 11.29 -31.60 -42.63
C LEU C 94 12.61 -31.80 -41.88
N VAL C 95 13.73 -31.71 -42.59
CA VAL C 95 15.04 -31.86 -41.96
C VAL C 95 15.57 -30.46 -41.73
N MET C 96 15.71 -30.07 -40.47
CA MET C 96 15.99 -28.68 -40.18
C MET C 96 17.28 -28.52 -39.38
N GLU C 97 17.81 -27.31 -39.41
CA GLU C 97 18.96 -26.95 -38.60
C GLU C 97 18.69 -27.23 -37.12
N TYR C 98 19.70 -27.73 -36.40
CA TYR C 98 19.59 -27.96 -34.96
C TYR C 98 20.22 -26.81 -34.18
N CYS C 99 19.48 -26.28 -33.21
CA CYS C 99 19.99 -25.24 -32.34
C CYS C 99 20.13 -25.83 -30.94
N ASN C 100 21.34 -25.82 -30.42
CA ASN C 100 21.63 -26.62 -29.24
C ASN C 100 21.24 -25.95 -27.95
N GLY C 101 20.92 -24.66 -28.01
CA GLY C 101 20.57 -23.88 -26.82
C GLY C 101 19.11 -23.98 -26.42
N GLY C 102 18.30 -24.66 -27.23
CA GLY C 102 16.89 -24.80 -26.95
C GLY C 102 16.16 -23.52 -27.29
N ASP C 103 14.96 -23.30 -26.76
CA ASP C 103 14.23 -22.09 -27.17
C ASP C 103 14.30 -20.97 -26.14
N LEU C 104 13.86 -19.79 -26.55
CA LEU C 104 13.99 -18.60 -25.71
C LEU C 104 13.10 -18.69 -24.47
N ALA C 105 11.96 -19.39 -24.61
CA ALA C 105 11.06 -19.54 -23.48
C ALA C 105 11.78 -20.21 -22.33
N ASP C 106 12.50 -21.29 -22.64
CA ASP C 106 13.19 -22.05 -21.61
C ASP C 106 14.43 -21.31 -21.09
N TYR C 107 15.09 -20.59 -21.99
CA TYR C 107 16.21 -19.73 -21.60
C TYR C 107 15.75 -18.72 -20.57
N LEU C 108 14.61 -18.08 -20.84
CA LEU C 108 14.02 -17.12 -19.90
C LEU C 108 13.60 -17.74 -18.56
N HIS C 109 13.10 -18.97 -18.57
CA HIS C 109 12.73 -19.61 -17.31
C HIS C 109 13.99 -19.79 -16.45
N ALA C 110 15.08 -20.17 -17.09
CA ALA C 110 16.33 -20.41 -16.39
C ALA C 110 16.99 -19.13 -15.87
N MET C 111 16.82 -18.03 -16.61
CA MET C 111 17.48 -16.76 -16.27
C MET C 111 16.60 -15.82 -15.45
N ARG C 112 15.29 -16.05 -15.51
CA ARG C 112 14.25 -15.22 -14.88
C ARG C 112 14.00 -13.94 -15.69
N THR C 113 15.04 -13.12 -15.89
CA THR C 113 14.95 -11.98 -16.79
C THR C 113 16.26 -11.82 -17.55
N LEU C 114 16.25 -10.99 -18.59
CA LEU C 114 17.44 -10.70 -19.35
C LEU C 114 17.80 -9.24 -19.14
N SER C 115 19.09 -8.94 -19.18
CA SER C 115 19.52 -7.55 -19.12
C SER C 115 19.02 -6.81 -20.35
N GLU C 116 18.92 -5.48 -20.24
CA GLU C 116 18.57 -4.66 -21.40
C GLU C 116 19.59 -4.90 -22.53
N ASP C 117 20.86 -5.08 -22.18
CA ASP C 117 21.90 -5.37 -23.17
C ASP C 117 21.57 -6.63 -23.98
N THR C 118 21.33 -7.73 -23.26
CA THR C 118 21.04 -9.00 -23.90
C THR C 118 19.79 -8.89 -24.77
N ILE C 119 18.79 -8.18 -24.27
CA ILE C 119 17.55 -7.98 -24.99
C ILE C 119 17.84 -7.26 -26.31
N ARG C 120 18.72 -6.25 -26.28
CA ARG C 120 19.07 -5.53 -27.50
C ARG C 120 19.80 -6.43 -28.50
N LEU C 121 20.69 -7.29 -28.01
CA LEU C 121 21.41 -8.22 -28.87
C LEU C 121 20.46 -9.21 -29.54
N PHE C 122 19.47 -9.67 -28.78
CA PHE C 122 18.53 -10.63 -29.32
C PHE C 122 17.56 -9.96 -30.31
N LEU C 123 17.15 -8.73 -29.98
CA LEU C 123 16.17 -8.03 -30.78
C LEU C 123 16.76 -7.58 -32.11
N GLN C 124 18.05 -7.22 -32.13
CA GLN C 124 18.71 -6.87 -33.39
C GLN C 124 18.70 -8.04 -34.37
N GLN C 125 18.93 -9.24 -33.84
CA GLN C 125 18.94 -10.45 -34.65
C GLN C 125 17.54 -10.79 -35.17
N ILE C 126 16.55 -10.64 -34.30
CA ILE C 126 15.17 -10.86 -34.71
C ILE C 126 14.81 -9.83 -35.80
N ALA C 127 15.25 -8.58 -35.61
CA ALA C 127 14.96 -7.52 -36.57
C ALA C 127 15.57 -7.87 -37.92
N GLY C 128 16.72 -8.53 -37.91
CA GLY C 128 17.39 -8.95 -39.12
C GLY C 128 16.50 -9.88 -39.91
N ALA C 129 16.06 -10.96 -39.27
CA ALA C 129 15.16 -11.93 -39.90
C ALA C 129 13.88 -11.27 -40.39
N MET C 130 13.33 -10.37 -39.60
CA MET C 130 12.07 -9.74 -39.93
C MET C 130 12.19 -8.86 -41.17
N ARG C 131 13.37 -8.25 -41.35
CA ARG C 131 13.64 -7.45 -42.51
C ARG C 131 13.50 -8.29 -43.78
N LEU C 132 14.05 -9.50 -43.77
CA LEU C 132 13.91 -10.38 -44.94
C LEU C 132 12.45 -10.81 -45.18
N LEU C 133 11.74 -11.17 -44.11
N LEU C 133 11.74 -11.17 -44.12
CA LEU C 133 10.33 -11.53 -44.24
CA LEU C 133 10.33 -11.52 -44.24
C LEU C 133 9.53 -10.36 -44.83
C LEU C 133 9.53 -10.36 -44.84
N HIS C 134 9.72 -9.18 -44.27
CA HIS C 134 9.01 -7.98 -44.71
C HIS C 134 9.25 -7.70 -46.20
N SER C 135 10.49 -7.85 -46.64
CA SER C 135 10.86 -7.62 -48.03
C SER C 135 10.24 -8.66 -48.98
N LYS C 136 9.98 -9.85 -48.46
CA LYS C 136 9.43 -10.95 -49.25
C LYS C 136 7.91 -10.96 -49.27
N GLY C 137 7.31 -10.10 -48.44
CA GLY C 137 5.86 -10.06 -48.28
C GLY C 137 5.32 -11.21 -47.43
N ILE C 138 6.11 -11.66 -46.47
CA ILE C 138 5.70 -12.77 -45.63
C ILE C 138 5.42 -12.34 -44.19
N ILE C 139 4.31 -12.83 -43.65
CA ILE C 139 4.05 -12.65 -42.23
C ILE C 139 4.09 -14.01 -41.51
N HIS C 140 4.68 -14.00 -40.32
CA HIS C 140 4.99 -15.24 -39.59
C HIS C 140 3.76 -15.72 -38.81
N ARG C 141 3.21 -14.80 -38.02
CA ARG C 141 1.95 -14.97 -37.31
C ARG C 141 1.97 -15.87 -36.09
N ASP C 142 3.11 -16.47 -35.76
CA ASP C 142 3.20 -17.29 -34.55
C ASP C 142 4.48 -17.01 -33.77
N LEU C 143 4.87 -15.73 -33.75
CA LEU C 143 6.04 -15.30 -32.99
C LEU C 143 5.79 -15.34 -31.48
N LYS C 144 6.58 -16.14 -30.78
CA LYS C 144 6.52 -16.23 -29.32
C LYS C 144 7.86 -16.81 -28.89
N PRO C 145 8.17 -16.72 -27.59
CA PRO C 145 9.53 -17.15 -27.20
C PRO C 145 9.78 -18.62 -27.52
N GLN C 146 8.74 -19.45 -27.48
CA GLN C 146 8.88 -20.86 -27.84
C GLN C 146 9.36 -21.10 -29.28
N ASN C 147 9.10 -20.14 -30.17
CA ASN C 147 9.51 -20.20 -31.57
C ASN C 147 10.74 -19.34 -31.90
N ILE C 148 11.44 -18.85 -30.88
CA ILE C 148 12.78 -18.29 -31.04
C ILE C 148 13.78 -19.33 -30.52
N LEU C 149 14.62 -19.86 -31.40
CA LEU C 149 15.58 -20.89 -31.02
C LEU C 149 16.94 -20.27 -30.73
N LEU C 150 17.67 -20.86 -29.81
CA LEU C 150 19.00 -20.36 -29.45
C LEU C 150 20.08 -21.35 -29.86
N SER C 151 21.09 -20.84 -30.54
CA SER C 151 22.24 -21.65 -30.92
C SER C 151 23.47 -21.18 -30.13
N ASN C 152 24.18 -22.14 -29.54
CA ASN C 152 25.34 -21.87 -28.72
C ASN C 152 26.45 -22.87 -29.02
N PRO C 153 27.08 -22.70 -30.18
CA PRO C 153 28.01 -23.67 -30.78
C PRO C 153 29.23 -23.98 -29.90
N ALA C 154 29.74 -22.96 -29.22
CA ALA C 154 30.96 -23.11 -28.44
C ALA C 154 30.78 -24.02 -27.21
N GLY C 155 29.55 -24.11 -26.71
CA GLY C 155 29.30 -24.84 -25.49
C GLY C 155 29.49 -24.00 -24.24
N ARG C 156 29.93 -24.63 -23.15
CA ARG C 156 30.05 -23.93 -21.88
C ARG C 156 31.07 -22.79 -21.93
N ARG C 157 32.08 -22.93 -22.79
CA ARG C 157 33.12 -21.91 -22.93
C ARG C 157 32.75 -20.88 -23.99
N ALA C 158 31.53 -20.35 -23.90
CA ALA C 158 31.01 -19.42 -24.91
C ALA C 158 30.42 -18.15 -24.31
N ASN C 159 30.60 -17.05 -25.01
CA ASN C 159 30.11 -15.75 -24.59
C ASN C 159 28.64 -15.54 -25.00
N PRO C 160 27.80 -15.04 -24.07
CA PRO C 160 26.40 -14.71 -24.36
C PRO C 160 26.26 -13.73 -25.53
N ASN C 161 27.31 -12.96 -25.78
CA ASN C 161 27.40 -12.14 -26.98
C ASN C 161 27.55 -13.03 -28.21
N SER C 162 27.85 -14.31 -28.00
CA SER C 162 28.04 -15.23 -29.12
C SER C 162 26.78 -16.06 -29.40
N ILE C 163 25.71 -15.85 -28.64
CA ILE C 163 24.48 -16.60 -28.88
C ILE C 163 23.79 -16.14 -30.16
N ARG C 164 23.42 -17.10 -31.00
CA ARG C 164 22.76 -16.80 -32.26
C ARG C 164 21.32 -17.26 -32.19
N VAL C 165 20.38 -16.33 -32.40
CA VAL C 165 18.96 -16.62 -32.27
C VAL C 165 18.29 -16.77 -33.62
N LYS C 166 17.43 -17.77 -33.75
CA LYS C 166 16.81 -18.06 -35.03
C LYS C 166 15.29 -18.22 -34.90
N ILE C 167 14.55 -17.61 -35.81
CA ILE C 167 13.11 -17.76 -35.81
C ILE C 167 12.75 -19.12 -36.41
N ALA C 168 11.78 -19.80 -35.78
CA ALA C 168 11.34 -21.11 -36.24
C ALA C 168 9.82 -21.16 -36.42
N ASP C 169 9.32 -22.30 -36.91
CA ASP C 169 7.88 -22.60 -37.05
C ASP C 169 7.12 -21.64 -37.96
N PHE C 170 7.24 -21.88 -39.27
CA PHE C 170 6.58 -21.06 -40.26
C PHE C 170 5.29 -21.73 -40.76
N GLY C 171 4.82 -22.71 -39.99
CA GLY C 171 3.62 -23.46 -40.32
C GLY C 171 2.41 -22.56 -40.55
N PHE C 172 2.39 -21.42 -39.87
CA PHE C 172 1.26 -20.49 -39.94
C PHE C 172 1.52 -19.27 -40.81
N ALA C 173 2.74 -19.18 -41.34
CA ALA C 173 3.12 -18.02 -42.13
C ALA C 173 2.39 -17.99 -43.47
N ARG C 174 2.30 -16.80 -44.07
CA ARG C 174 1.73 -16.65 -45.39
C ARG C 174 2.31 -15.44 -46.08
N TYR C 175 2.20 -15.43 -47.41
CA TYR C 175 2.42 -14.24 -48.20
C TYR C 175 1.19 -13.34 -48.05
N LEU C 176 1.42 -12.05 -47.93
CA LEU C 176 0.33 -11.10 -47.84
C LEU C 176 0.65 -10.02 -48.84
N GLN C 177 -0.19 -9.93 -49.86
CA GLN C 177 -0.05 -8.90 -50.87
C GLN C 177 -0.16 -7.53 -50.21
N SER C 178 0.68 -6.59 -50.61
CA SER C 178 0.84 -5.35 -49.83
C SER C 178 -0.41 -4.44 -49.87
N ASN C 179 -1.38 -4.76 -50.72
CA ASN C 179 -2.66 -4.04 -50.66
C ASN C 179 -3.79 -4.87 -50.05
N MET C 180 -3.44 -5.97 -49.39
N MET C 180 -3.41 -5.95 -49.37
CA MET C 180 -4.47 -6.84 -48.80
CA MET C 180 -4.37 -6.87 -48.79
C MET C 180 -4.36 -6.90 -47.28
C MET C 180 -4.14 -7.06 -47.30
N MET C 181 -5.30 -7.61 -46.65
N MET C 181 -5.19 -7.51 -46.60
CA MET C 181 -5.23 -7.88 -45.23
CA MET C 181 -5.06 -7.87 -45.21
C MET C 181 -5.51 -9.36 -45.00
C MET C 181 -5.44 -9.34 -45.02
N ALA C 182 -4.96 -9.90 -43.92
CA ALA C 182 -5.22 -11.29 -43.56
C ALA C 182 -6.30 -11.33 -42.49
N ALA C 183 -6.95 -12.48 -42.32
CA ALA C 183 -7.94 -12.58 -41.27
C ALA C 183 -7.98 -13.95 -40.59
N TPO C 184 -7.07 -14.86 -40.95
CA TPO C 184 -7.00 -16.13 -40.28
CB TPO C 184 -6.10 -17.09 -41.01
CG2 TPO C 184 -6.05 -18.42 -40.32
OG1 TPO C 184 -6.66 -17.29 -42.30
P TPO C 184 -5.60 -17.02 -43.50
O1P TPO C 184 -4.46 -17.96 -43.39
O2P TPO C 184 -6.35 -17.19 -44.89
O3P TPO C 184 -5.02 -15.54 -43.35
C TPO C 184 -6.53 -15.98 -38.84
O TPO C 184 -5.54 -15.35 -38.55
N LEU C 185 -7.30 -16.57 -37.94
CA LEU C 185 -6.96 -16.55 -36.52
C LEU C 185 -5.86 -17.57 -36.24
N CYS C 186 -4.66 -17.11 -35.94
CA CYS C 186 -3.62 -18.05 -35.51
C CYS C 186 -2.60 -17.37 -34.58
N GLY C 187 -1.70 -18.16 -34.02
CA GLY C 187 -0.73 -17.68 -33.05
C GLY C 187 -1.14 -18.11 -31.65
N SER C 188 -0.40 -17.67 -30.64
CA SER C 188 -0.75 -18.00 -29.27
C SER C 188 -1.36 -16.78 -28.60
N PRO C 189 -2.55 -16.97 -28.01
CA PRO C 189 -3.40 -15.95 -27.38
C PRO C 189 -2.64 -14.84 -26.66
N MET C 190 -1.68 -15.17 -25.82
CA MET C 190 -1.01 -14.12 -25.05
C MET C 190 -0.02 -13.30 -25.88
N TYR C 191 0.27 -13.76 -27.09
CA TYR C 191 1.21 -13.06 -27.97
C TYR C 191 0.55 -12.53 -29.23
N MET C 192 -0.75 -12.77 -29.39
CA MET C 192 -1.49 -12.29 -30.57
C MET C 192 -1.79 -10.82 -30.49
N ALA C 193 -1.67 -10.10 -31.60
CA ALA C 193 -2.07 -8.70 -31.62
C ALA C 193 -3.56 -8.63 -31.35
N PRO C 194 -4.01 -7.55 -30.69
CA PRO C 194 -5.44 -7.39 -30.35
C PRO C 194 -6.36 -7.56 -31.55
N GLU C 195 -5.96 -7.04 -32.71
CA GLU C 195 -6.79 -7.14 -33.91
C GLU C 195 -6.96 -8.60 -34.32
N VAL C 196 -5.93 -9.41 -34.11
CA VAL C 196 -6.00 -10.83 -34.43
C VAL C 196 -6.96 -11.57 -33.51
N ILE C 197 -6.76 -11.43 -32.19
CA ILE C 197 -7.59 -12.15 -31.25
C ILE C 197 -9.05 -11.65 -31.25
N MET C 198 -9.26 -10.42 -31.68
CA MET C 198 -10.62 -9.88 -31.81
C MET C 198 -11.22 -10.18 -33.18
N SER C 199 -10.54 -11.05 -33.93
CA SER C 199 -11.02 -11.52 -35.24
C SER C 199 -11.25 -10.41 -36.26
N GLN C 200 -10.38 -9.42 -36.24
CA GLN C 200 -10.39 -8.38 -37.26
C GLN C 200 -9.32 -8.67 -38.31
N HIS C 201 -9.33 -7.89 -39.38
CA HIS C 201 -8.30 -8.00 -40.40
C HIS C 201 -7.01 -7.37 -39.90
N TYR C 202 -5.88 -7.97 -40.28
CA TYR C 202 -4.58 -7.47 -39.82
C TYR C 202 -3.53 -7.56 -40.93
N ASP C 203 -2.35 -7.02 -40.66
CA ASP C 203 -1.25 -7.12 -41.61
C ASP C 203 0.04 -7.43 -40.88
N GLY C 204 1.16 -7.07 -41.49
CA GLY C 204 2.46 -7.26 -40.88
C GLY C 204 2.63 -6.69 -39.47
N LYS C 205 1.89 -5.65 -39.13
CA LYS C 205 2.00 -5.01 -37.82
C LYS C 205 1.58 -5.91 -36.66
N ALA C 206 0.93 -7.02 -36.97
CA ALA C 206 0.57 -7.99 -35.95
C ALA C 206 1.81 -8.66 -35.38
N ASP C 207 2.76 -9.01 -36.26
CA ASP C 207 4.02 -9.62 -35.82
C ASP C 207 4.75 -8.65 -34.87
N LEU C 208 4.53 -7.34 -35.07
CA LEU C 208 5.22 -6.32 -34.28
C LEU C 208 4.70 -6.26 -32.85
N TRP C 209 3.39 -6.46 -32.69
CA TRP C 209 2.82 -6.62 -31.36
C TRP C 209 3.44 -7.81 -30.66
N SER C 210 3.51 -8.93 -31.38
CA SER C 210 4.09 -10.15 -30.84
C SER C 210 5.50 -9.90 -30.33
N ILE C 211 6.33 -9.29 -31.18
CA ILE C 211 7.71 -9.03 -30.79
C ILE C 211 7.74 -8.15 -29.52
N GLY C 212 6.85 -7.17 -29.45
CA GLY C 212 6.74 -6.34 -28.25
C GLY C 212 6.41 -7.14 -27.01
N THR C 213 5.54 -8.15 -27.14
CA THR C 213 5.21 -8.98 -26.00
C THR C 213 6.43 -9.81 -25.64
N ILE C 214 7.20 -10.20 -26.64
CA ILE C 214 8.39 -11.01 -26.40
C ILE C 214 9.47 -10.21 -25.67
N VAL C 215 9.71 -9.00 -26.12
CA VAL C 215 10.68 -8.14 -25.45
C VAL C 215 10.26 -7.84 -24.00
N TYR C 216 8.99 -7.49 -23.81
CA TYR C 216 8.43 -7.26 -22.47
C TYR C 216 8.66 -8.46 -21.54
N GLN C 217 8.35 -9.65 -22.01
CA GLN C 217 8.53 -10.86 -21.19
C GLN C 217 10.01 -11.08 -20.84
N CYS C 218 10.89 -10.79 -21.79
CA CYS C 218 12.32 -10.87 -21.51
C CYS C 218 12.72 -9.91 -20.39
N LEU C 219 12.09 -8.75 -20.40
CA LEU C 219 12.41 -7.69 -19.45
C LEU C 219 11.85 -7.95 -18.05
N THR C 220 10.61 -8.41 -17.98
CA THR C 220 9.93 -8.57 -16.70
C THR C 220 9.82 -10.03 -16.26
N GLY C 221 9.85 -10.95 -17.23
CA GLY C 221 9.66 -12.35 -16.93
C GLY C 221 8.19 -12.72 -17.01
N LYS C 222 7.36 -11.76 -17.40
CA LYS C 222 5.92 -11.98 -17.49
C LYS C 222 5.39 -11.39 -18.80
N ALA C 223 4.24 -11.89 -19.27
CA ALA C 223 3.58 -11.29 -20.42
C ALA C 223 2.86 -10.00 -19.98
N PRO C 224 2.75 -9.00 -20.88
CA PRO C 224 2.21 -7.73 -20.42
C PRO C 224 0.74 -7.80 -20.00
N PHE C 225 -0.02 -8.70 -20.63
CA PHE C 225 -1.44 -8.80 -20.34
C PHE C 225 -1.85 -10.24 -20.01
N GLN C 226 -2.23 -10.45 -18.76
CA GLN C 226 -2.60 -11.78 -18.28
C GLN C 226 -4.11 -11.89 -18.13
N ALA C 227 -4.64 -13.09 -18.41
CA ALA C 227 -6.05 -13.37 -18.18
C ALA C 227 -6.25 -14.86 -17.92
N SER C 228 -7.36 -15.21 -17.29
CA SER C 228 -7.59 -16.60 -16.91
C SER C 228 -7.82 -17.48 -18.13
N SER C 229 -8.13 -16.85 -19.27
CA SER C 229 -8.36 -17.58 -20.52
C SER C 229 -8.29 -16.66 -21.72
N PRO C 230 -8.03 -17.25 -22.90
CA PRO C 230 -7.99 -16.48 -24.14
C PRO C 230 -9.25 -15.65 -24.34
N GLN C 231 -10.39 -16.21 -23.96
CA GLN C 231 -11.65 -15.49 -24.13
C GLN C 231 -11.73 -14.34 -23.14
N ASP C 232 -10.99 -14.46 -22.04
CA ASP C 232 -10.94 -13.39 -21.05
C ASP C 232 -10.06 -12.26 -21.57
N LEU C 233 -8.94 -12.64 -22.18
CA LEU C 233 -8.01 -11.68 -22.77
C LEU C 233 -8.70 -10.90 -23.89
N ARG C 234 -9.56 -11.59 -24.62
CA ARG C 234 -10.27 -10.98 -25.73
C ARG C 234 -11.24 -9.91 -25.23
N LEU C 235 -12.09 -10.29 -24.28
CA LEU C 235 -13.07 -9.37 -23.71
C LEU C 235 -12.37 -8.19 -23.05
N PHE C 236 -11.18 -8.44 -22.51
CA PHE C 236 -10.33 -7.39 -21.95
C PHE C 236 -9.98 -6.34 -23.02
N TYR C 237 -9.44 -6.81 -24.15
CA TYR C 237 -9.07 -5.93 -25.26
C TYR C 237 -10.27 -5.15 -25.80
N GLU C 238 -11.41 -5.83 -25.92
CA GLU C 238 -12.63 -5.21 -26.46
C GLU C 238 -13.16 -4.09 -25.58
N LYS C 239 -12.95 -4.21 -24.27
CA LYS C 239 -13.45 -3.22 -23.32
C LYS C 239 -12.47 -2.07 -23.10
N ASN C 240 -11.18 -2.35 -23.15
CA ASN C 240 -10.16 -1.32 -22.88
C ASN C 240 -9.59 -0.72 -24.15
N LYS C 241 -10.05 0.47 -24.51
CA LYS C 241 -9.66 1.11 -25.76
C LYS C 241 -8.21 1.60 -25.72
N THR C 242 -7.70 1.84 -24.53
CA THR C 242 -6.28 2.12 -24.38
C THR C 242 -5.65 0.97 -23.60
N LEU C 243 -4.57 0.43 -24.14
CA LEU C 243 -3.82 -0.62 -23.47
C LEU C 243 -2.43 -0.12 -23.07
N VAL C 244 -2.18 -0.04 -21.77
CA VAL C 244 -0.85 0.33 -21.31
C VAL C 244 -0.27 -0.72 -20.36
N PRO C 245 0.83 -1.34 -20.78
CA PRO C 245 1.44 -2.39 -19.97
C PRO C 245 2.12 -1.78 -18.75
N THR C 246 2.25 -2.54 -17.67
CA THR C 246 2.96 -2.06 -16.50
C THR C 246 4.45 -2.26 -16.71
N ILE C 247 5.15 -1.18 -17.05
CA ILE C 247 6.59 -1.24 -17.27
C ILE C 247 7.31 -0.80 -16.01
N PRO C 248 8.31 -1.57 -15.56
CA PRO C 248 9.10 -1.25 -14.36
C PRO C 248 9.67 0.16 -14.41
N ARG C 249 9.61 0.89 -13.31
CA ARG C 249 9.98 2.32 -13.30
C ARG C 249 11.44 2.55 -13.67
N GLU C 250 12.27 1.53 -13.46
CA GLU C 250 13.70 1.62 -13.72
C GLU C 250 14.08 1.30 -15.16
N THR C 251 13.12 0.88 -15.96
CA THR C 251 13.35 0.65 -17.38
C THR C 251 13.84 1.91 -18.10
N SER C 252 14.88 1.77 -18.90
CA SER C 252 15.41 2.90 -19.68
C SER C 252 14.33 3.59 -20.52
N ALA C 253 14.50 4.88 -20.75
CA ALA C 253 13.53 5.67 -21.52
C ALA C 253 13.33 5.13 -22.93
N PRO C 254 14.42 4.73 -23.61
CA PRO C 254 14.28 4.19 -24.97
C PRO C 254 13.46 2.89 -25.04
N LEU C 255 13.71 1.97 -24.11
CA LEU C 255 12.99 0.70 -24.06
C LEU C 255 11.49 0.89 -23.75
N ARG C 256 11.16 1.67 -22.72
CA ARG C 256 9.75 1.99 -22.42
C ARG C 256 9.05 2.56 -23.65
N GLN C 257 9.74 3.49 -24.31
CA GLN C 257 9.30 4.05 -25.59
C GLN C 257 8.96 2.97 -26.62
N LEU C 258 9.94 2.13 -26.94
CA LEU C 258 9.77 1.04 -27.91
C LEU C 258 8.66 0.07 -27.53
N LEU C 259 8.47 -0.14 -26.23
CA LEU C 259 7.47 -1.08 -25.77
C LEU C 259 6.07 -0.48 -25.89
N LEU C 260 5.95 0.77 -25.45
CA LEU C 260 4.67 1.47 -25.51
C LEU C 260 4.22 1.68 -26.95
N ALA C 261 5.18 1.80 -27.87
CA ALA C 261 4.88 1.97 -29.30
C ALA C 261 4.54 0.64 -29.97
N LEU C 262 5.22 -0.43 -29.56
CA LEU C 262 4.94 -1.75 -30.09
C LEU C 262 3.65 -2.32 -29.50
N LEU C 263 3.39 -1.98 -28.23
CA LEU C 263 2.18 -2.46 -27.57
C LEU C 263 1.03 -1.46 -27.64
N GLN C 264 0.79 -0.93 -28.85
CA GLN C 264 -0.38 -0.10 -29.10
C GLN C 264 -1.56 -0.98 -29.49
N ARG C 265 -2.67 -0.84 -28.78
CA ARG C 265 -3.87 -1.63 -29.04
C ARG C 265 -4.29 -1.55 -30.50
N ASN C 266 -4.44 -0.32 -30.99
CA ASN C 266 -4.88 -0.09 -32.35
C ASN C 266 -3.72 -0.12 -33.33
N HIS C 267 -3.81 -0.96 -34.37
CA HIS C 267 -2.64 -1.20 -35.22
C HIS C 267 -2.30 0.05 -36.05
N LYS C 268 -3.29 0.88 -36.32
CA LYS C 268 -3.04 2.17 -36.98
C LYS C 268 -2.06 3.01 -36.15
N ASP C 269 -2.22 2.97 -34.82
CA ASP C 269 -1.36 3.72 -33.91
C ASP C 269 0.00 3.06 -33.70
N ARG C 270 0.07 1.75 -33.94
CA ARG C 270 1.27 0.97 -33.64
C ARG C 270 2.46 1.33 -34.53
N MET C 271 3.64 1.12 -33.96
CA MET C 271 4.91 1.25 -34.69
C MET C 271 4.86 0.46 -35.98
N ASP C 272 5.39 1.01 -37.06
CA ASP C 272 5.51 0.22 -38.28
C ASP C 272 6.94 -0.30 -38.41
N PHE C 273 7.23 -0.99 -39.50
CA PHE C 273 8.50 -1.69 -39.63
C PHE C 273 9.68 -0.75 -39.76
N ASP C 274 9.47 0.34 -40.48
CA ASP C 274 10.53 1.32 -40.68
C ASP C 274 10.99 1.83 -39.31
N GLU C 275 10.03 2.26 -38.51
CA GLU C 275 10.28 2.79 -37.18
C GLU C 275 10.93 1.72 -36.30
N PHE C 276 10.42 0.48 -36.40
CA PHE C 276 11.00 -0.63 -35.65
C PHE C 276 12.46 -0.89 -36.04
N PHE C 277 12.72 -1.04 -37.33
CA PHE C 277 14.06 -1.39 -37.82
C PHE C 277 15.12 -0.37 -37.43
N HIS C 278 14.73 0.89 -37.30
CA HIS C 278 15.70 1.95 -36.98
C HIS C 278 15.46 2.59 -35.62
N HIS C 279 14.89 1.84 -34.68
CA HIS C 279 14.61 2.38 -33.37
C HIS C 279 15.90 2.58 -32.60
N PRO C 280 16.00 3.70 -31.86
CA PRO C 280 17.18 4.01 -31.04
C PRO C 280 17.55 2.91 -30.05
N PHE C 281 16.58 2.16 -29.54
CA PHE C 281 16.92 1.09 -28.61
C PHE C 281 17.79 0.03 -29.31
N LEU C 282 17.57 -0.15 -30.60
CA LEU C 282 18.37 -1.08 -31.38
C LEU C 282 19.79 -0.56 -31.60
N ASP C 283 19.89 0.71 -31.99
CA ASP C 283 21.18 1.30 -32.32
C ASP C 283 22.03 1.50 -31.06
N THR D 12 -53.34 20.49 22.11
CA THR D 12 -52.76 20.25 23.42
C THR D 12 -53.43 19.09 24.15
N GLU D 13 -52.64 18.16 24.67
CA GLU D 13 -53.14 17.04 25.47
C GLU D 13 -52.57 17.04 26.88
N THR D 14 -53.24 16.35 27.80
CA THR D 14 -52.80 16.34 29.20
C THR D 14 -52.54 14.93 29.73
N VAL D 15 -51.48 14.80 30.53
CA VAL D 15 -51.17 13.59 31.28
C VAL D 15 -50.79 13.94 32.72
N GLY D 16 -51.65 13.63 33.67
CA GLY D 16 -51.40 13.98 35.06
C GLY D 16 -51.21 15.48 35.20
N LYS D 17 -50.10 15.88 35.81
CA LYS D 17 -49.74 17.29 35.95
C LYS D 17 -49.03 17.85 34.71
N PHE D 18 -49.03 17.11 33.61
CA PHE D 18 -48.24 17.50 32.44
C PHE D 18 -49.09 17.65 31.17
N GLU D 19 -48.57 18.38 30.20
CA GLU D 19 -49.26 18.60 28.93
C GLU D 19 -48.25 18.62 27.77
N PHE D 20 -48.74 18.35 26.56
CA PHE D 20 -47.91 18.36 25.35
C PHE D 20 -48.76 18.55 24.10
N SER D 21 -48.13 18.95 23.01
CA SER D 21 -48.82 18.97 21.72
C SER D 21 -48.13 18.03 20.76
N ARG D 22 -48.91 17.35 19.90
CA ARG D 22 -48.36 16.38 18.98
C ARG D 22 -47.65 17.04 17.79
N LYS D 23 -47.63 18.36 17.78
CA LYS D 23 -46.79 19.11 16.85
C LYS D 23 -45.32 18.98 17.26
N ASP D 24 -45.08 18.99 18.56
CA ASP D 24 -43.72 19.02 19.11
C ASP D 24 -43.05 17.66 19.13
N LEU D 25 -43.00 16.99 17.98
CA LEU D 25 -42.38 15.68 17.88
C LEU D 25 -40.86 15.77 18.06
N ILE D 26 -40.36 15.11 19.08
CA ILE D 26 -38.94 15.03 19.40
C ILE D 26 -38.29 13.79 18.79
N GLY D 27 -39.04 12.70 18.76
CA GLY D 27 -38.48 11.42 18.37
C GLY D 27 -39.52 10.44 17.90
N HIS D 28 -39.11 9.55 17.00
CA HIS D 28 -40.01 8.61 16.37
C HIS D 28 -39.31 7.28 16.23
N GLY D 29 -39.96 6.22 16.68
CA GLY D 29 -39.45 4.87 16.55
C GLY D 29 -40.56 3.93 16.17
N ALA D 30 -40.22 2.69 15.86
CA ALA D 30 -41.21 1.69 15.56
C ALA D 30 -42.04 1.35 16.79
N PHE D 31 -41.57 1.72 17.98
CA PHE D 31 -42.23 1.31 19.22
C PHE D 31 -42.60 2.46 20.15
N ALA D 32 -42.34 3.68 19.72
CA ALA D 32 -42.71 4.84 20.53
C ALA D 32 -42.67 6.12 19.70
N VAL D 33 -43.52 7.08 20.08
N VAL D 33 -43.57 7.04 20.00
CA VAL D 33 -43.51 8.43 19.53
CA VAL D 33 -43.42 8.41 19.53
C VAL D 33 -43.37 9.44 20.66
C VAL D 33 -43.16 9.28 20.76
N VAL D 34 -42.39 10.34 20.57
CA VAL D 34 -42.04 11.22 21.69
C VAL D 34 -42.27 12.69 21.40
N PHE D 35 -43.00 13.36 22.28
CA PHE D 35 -43.30 14.79 22.13
C PHE D 35 -42.70 15.61 23.29
N LYS D 36 -42.32 16.85 23.01
CA LYS D 36 -41.90 17.74 24.09
C LYS D 36 -43.15 18.24 24.79
N GLY D 37 -43.10 18.43 26.11
CA GLY D 37 -44.25 18.93 26.84
C GLY D 37 -43.79 19.74 28.03
N ARG D 38 -44.70 20.01 28.97
CA ARG D 38 -44.32 20.79 30.15
C ARG D 38 -45.25 20.53 31.32
N HIS D 39 -44.80 20.89 32.52
CA HIS D 39 -45.64 20.88 33.71
C HIS D 39 -46.75 21.95 33.58
N ARG D 40 -47.99 21.57 33.92
CA ARG D 40 -49.15 22.45 33.72
C ARG D 40 -49.15 23.65 34.66
N ALA D 41 -48.48 23.53 35.80
CA ALA D 41 -48.34 24.66 36.71
C ALA D 41 -47.06 25.42 36.41
N ALA D 42 -45.96 24.69 36.29
CA ALA D 42 -44.65 25.30 36.10
C ALA D 42 -44.20 25.14 34.65
N HIS D 43 -44.58 26.08 33.79
CA HIS D 43 -44.39 25.93 32.35
C HIS D 43 -42.93 25.83 31.93
N ASP D 44 -42.03 26.27 32.79
CA ASP D 44 -40.60 26.24 32.49
C ASP D 44 -39.98 24.87 32.74
N LEU D 45 -40.74 23.98 33.37
CA LEU D 45 -40.29 22.61 33.58
C LEU D 45 -40.65 21.79 32.36
N GLU D 46 -39.64 21.49 31.54
CA GLU D 46 -39.83 20.75 30.30
C GLU D 46 -39.85 19.25 30.56
N VAL D 47 -40.63 18.52 29.77
CA VAL D 47 -40.64 17.06 29.84
C VAL D 47 -40.66 16.49 28.44
N ALA D 48 -40.43 15.17 28.35
CA ALA D 48 -40.57 14.44 27.11
C ALA D 48 -41.61 13.35 27.33
N VAL D 49 -42.68 13.35 26.53
CA VAL D 49 -43.73 12.36 26.73
C VAL D 49 -43.64 11.26 25.69
N LYS D 50 -43.35 10.04 26.14
CA LYS D 50 -43.28 8.88 25.25
C LYS D 50 -44.65 8.24 25.13
N CYS D 51 -45.10 8.01 23.89
CA CYS D 51 -46.44 7.47 23.61
C CYS D 51 -46.38 6.22 22.74
N ILE D 52 -47.49 5.49 22.72
CA ILE D 52 -47.60 4.34 21.82
C ILE D 52 -47.42 4.76 20.36
N ASN D 53 -46.68 3.96 19.60
CA ASN D 53 -46.72 4.07 18.15
C ASN D 53 -47.77 3.11 17.60
N LYS D 54 -48.90 3.65 17.15
CA LYS D 54 -50.05 2.82 16.80
C LYS D 54 -49.78 1.88 15.62
N LYS D 55 -48.76 2.19 14.82
CA LYS D 55 -48.37 1.31 13.73
C LYS D 55 -48.03 -0.10 14.24
N ASN D 56 -47.28 -0.16 15.35
CA ASN D 56 -46.94 -1.42 15.98
C ASN D 56 -47.56 -1.48 17.36
N LEU D 57 -48.88 -1.42 17.41
CA LEU D 57 -49.60 -1.13 18.65
C LEU D 57 -49.28 -2.12 19.77
N ALA D 58 -49.41 -3.41 19.48
CA ALA D 58 -49.23 -4.44 20.51
C ALA D 58 -47.84 -4.42 21.13
N LYS D 59 -46.82 -4.38 20.28
CA LYS D 59 -45.44 -4.44 20.78
C LYS D 59 -45.07 -3.14 21.44
N SER D 60 -45.55 -2.03 20.88
CA SER D 60 -45.29 -0.72 21.48
C SER D 60 -45.82 -0.64 22.91
N GLN D 61 -47.08 -1.02 23.08
CA GLN D 61 -47.71 -1.05 24.38
C GLN D 61 -46.93 -1.92 25.35
N THR D 62 -46.53 -3.11 24.88
CA THR D 62 -45.74 -4.02 25.69
C THR D 62 -44.42 -3.41 26.17
N LEU D 63 -43.67 -2.82 25.25
CA LEU D 63 -42.36 -2.27 25.59
C LEU D 63 -42.47 -1.08 26.54
N LEU D 64 -43.49 -0.25 26.37
CA LEU D 64 -43.64 0.91 27.23
C LEU D 64 -44.05 0.50 28.64
N GLY D 65 -44.90 -0.52 28.73
CA GLY D 65 -45.26 -1.08 30.03
C GLY D 65 -44.05 -1.65 30.76
N LYS D 66 -43.21 -2.39 30.03
CA LYS D 66 -41.99 -2.94 30.62
C LYS D 66 -41.06 -1.82 31.05
N GLU D 67 -41.00 -0.77 30.24
CA GLU D 67 -40.10 0.35 30.57
C GLU D 67 -40.52 1.04 31.86
N ILE D 68 -41.83 1.20 32.06
CA ILE D 68 -42.33 1.75 33.30
C ILE D 68 -41.87 0.91 34.50
N LYS D 69 -42.06 -0.40 34.41
CA LYS D 69 -41.75 -1.30 35.52
C LYS D 69 -40.28 -1.20 35.92
N ILE D 70 -39.40 -1.01 34.95
CA ILE D 70 -37.98 -0.94 35.22
C ILE D 70 -37.62 0.46 35.71
N LEU D 71 -38.05 1.48 34.98
CA LEU D 71 -37.61 2.85 35.27
C LEU D 71 -38.11 3.35 36.61
N LYS D 72 -39.24 2.82 37.08
CA LYS D 72 -39.76 3.39 38.31
C LYS D 72 -38.91 2.89 39.48
N GLU D 73 -37.96 1.99 39.19
CA GLU D 73 -37.02 1.49 40.20
C GLU D 73 -35.61 2.13 40.12
N LEU D 74 -35.41 3.04 39.17
CA LEU D 74 -34.08 3.58 38.87
C LEU D 74 -34.07 5.12 38.98
N LYS D 75 -33.38 5.64 40.00
CA LYS D 75 -33.19 7.08 40.10
C LYS D 75 -31.68 7.37 40.09
N HIS D 76 -31.23 8.12 39.10
CA HIS D 76 -29.79 8.40 38.91
C HIS D 76 -29.61 9.57 37.94
N GLU D 77 -28.58 10.40 38.14
CA GLU D 77 -28.35 11.49 37.20
C GLU D 77 -28.24 10.97 35.76
N ASN D 78 -27.64 9.80 35.61
CA ASN D 78 -27.21 9.38 34.29
C ASN D 78 -28.16 8.33 33.70
N ILE D 79 -29.38 8.32 34.25
CA ILE D 79 -30.51 7.61 33.65
C ILE D 79 -31.64 8.61 33.45
N VAL D 80 -32.19 8.70 32.24
CA VAL D 80 -33.26 9.69 32.00
C VAL D 80 -34.40 9.36 32.95
N ALA D 81 -34.86 10.37 33.72
CA ALA D 81 -35.80 10.10 34.81
C ALA D 81 -37.23 9.90 34.35
N LEU D 82 -37.93 8.97 34.99
CA LEU D 82 -39.37 8.85 34.82
C LEU D 82 -40.08 9.73 35.85
N TYR D 83 -40.75 10.81 35.42
CA TYR D 83 -41.44 11.69 36.38
C TYR D 83 -42.78 11.11 36.79
N ASP D 84 -43.50 10.60 35.81
CA ASP D 84 -44.82 10.03 36.03
C ASP D 84 -45.16 9.18 34.82
N PHE D 85 -46.30 8.52 34.87
CA PHE D 85 -46.68 7.66 33.77
C PHE D 85 -48.18 7.44 33.87
N GLN D 86 -48.77 6.93 32.81
CA GLN D 86 -50.19 6.61 32.85
C GLN D 86 -50.46 5.43 31.95
N GLU D 87 -50.76 4.28 32.56
CA GLU D 87 -50.97 3.07 31.79
C GLU D 87 -52.44 2.69 31.85
N MET D 88 -53.04 2.47 30.68
CA MET D 88 -54.44 2.05 30.59
C MET D 88 -54.54 0.87 29.65
N ALA D 89 -55.76 0.42 29.39
CA ALA D 89 -55.94 -0.77 28.57
C ALA D 89 -55.44 -0.50 27.15
N ASN D 90 -55.72 0.71 26.65
CA ASN D 90 -55.48 1.03 25.24
C ASN D 90 -54.44 2.11 24.99
N SER D 91 -53.85 2.62 26.06
CA SER D 91 -52.84 3.66 25.93
C SER D 91 -51.81 3.56 27.02
N VAL D 92 -50.61 4.07 26.73
CA VAL D 92 -49.56 4.16 27.71
C VAL D 92 -48.75 5.43 27.45
N TYR D 93 -48.49 6.18 28.52
CA TYR D 93 -47.71 7.40 28.41
C TYR D 93 -46.63 7.38 29.48
N LEU D 94 -45.40 7.74 29.10
CA LEU D 94 -44.33 7.99 30.08
C LEU D 94 -43.92 9.46 30.02
N VAL D 95 -43.90 10.14 31.18
CA VAL D 95 -43.48 11.54 31.26
C VAL D 95 -42.04 11.53 31.76
N MET D 96 -41.14 11.89 30.86
CA MET D 96 -39.71 11.78 31.08
C MET D 96 -39.07 13.14 31.30
N GLU D 97 -37.99 13.12 32.06
CA GLU D 97 -37.02 14.19 32.10
C GLU D 97 -36.67 14.65 30.70
N TYR D 98 -36.64 15.97 30.50
CA TYR D 98 -36.28 16.53 29.23
C TYR D 98 -34.79 16.79 29.15
N CYS D 99 -34.16 16.26 28.11
CA CYS D 99 -32.72 16.48 27.89
C CYS D 99 -32.54 17.40 26.70
N ASN D 100 -32.01 18.59 26.93
CA ASN D 100 -32.04 19.64 25.91
C ASN D 100 -30.93 19.53 24.87
N GLY D 101 -30.19 18.43 24.89
CA GLY D 101 -29.01 18.35 24.04
C GLY D 101 -29.02 17.31 22.95
N GLY D 102 -30.13 16.58 22.79
CA GLY D 102 -30.25 15.59 21.74
C GLY D 102 -29.52 14.30 22.10
N ASP D 103 -29.48 13.32 21.22
CA ASP D 103 -28.76 12.10 21.59
C ASP D 103 -27.31 12.09 21.06
N LEU D 104 -26.56 11.08 21.51
CA LEU D 104 -25.14 10.98 21.23
C LEU D 104 -24.87 10.73 19.76
N ALA D 105 -25.80 10.04 19.10
CA ALA D 105 -25.72 9.81 17.65
C ALA D 105 -25.70 11.14 16.88
N ASP D 106 -26.68 12.00 17.14
CA ASP D 106 -26.71 13.36 16.64
C ASP D 106 -25.43 14.13 16.94
N TYR D 107 -24.99 14.05 18.21
CA TYR D 107 -23.81 14.77 18.68
C TYR D 107 -22.55 14.41 17.90
N LEU D 108 -22.37 13.12 17.64
CA LEU D 108 -21.17 12.66 16.93
C LEU D 108 -21.18 13.10 15.47
N HIS D 109 -22.36 13.12 14.85
CA HIS D 109 -22.50 13.61 13.49
C HIS D 109 -21.98 15.04 13.41
N ALA D 110 -22.29 15.83 14.43
CA ALA D 110 -21.91 17.23 14.48
C ALA D 110 -20.44 17.41 14.81
N MET D 111 -19.90 16.61 15.75
CA MET D 111 -18.51 16.74 16.18
C MET D 111 -17.53 15.87 15.38
N ARG D 112 -18.06 14.87 14.68
CA ARG D 112 -17.28 13.89 13.90
C ARG D 112 -16.71 12.80 14.80
N THR D 113 -15.75 13.18 15.62
CA THR D 113 -15.18 12.30 16.65
C THR D 113 -14.95 13.13 17.90
N LEU D 114 -14.74 12.45 19.03
CA LEU D 114 -14.52 13.10 20.31
C LEU D 114 -13.09 12.84 20.80
N SER D 115 -12.51 13.82 21.49
CA SER D 115 -11.19 13.65 22.12
C SER D 115 -11.24 12.59 23.21
N GLU D 116 -10.09 12.11 23.67
CA GLU D 116 -10.09 11.08 24.70
C GLU D 116 -10.58 11.65 26.04
N ASP D 117 -10.42 12.96 26.23
CA ASP D 117 -10.85 13.62 27.46
C ASP D 117 -12.37 13.71 27.56
N THR D 118 -13.00 14.00 26.43
CA THR D 118 -14.46 14.01 26.34
C THR D 118 -14.99 12.59 26.51
N ILE D 119 -14.33 11.63 25.87
CA ILE D 119 -14.74 10.24 25.98
C ILE D 119 -14.67 9.81 27.44
N ARG D 120 -13.57 10.17 28.12
CA ARG D 120 -13.45 9.83 29.53
C ARG D 120 -14.59 10.43 30.35
N LEU D 121 -14.92 11.71 30.10
CA LEU D 121 -15.99 12.36 30.84
C LEU D 121 -17.33 11.67 30.63
N PHE D 122 -17.65 11.35 29.39
CA PHE D 122 -18.92 10.65 29.10
C PHE D 122 -18.94 9.24 29.68
N LEU D 123 -17.82 8.53 29.58
CA LEU D 123 -17.74 7.15 30.01
C LEU D 123 -17.81 7.03 31.55
N GLN D 124 -17.24 7.99 32.27
CA GLN D 124 -17.35 7.99 33.74
C GLN D 124 -18.82 8.02 34.16
N GLN D 125 -19.60 8.79 33.41
CA GLN D 125 -21.00 8.97 33.71
C GLN D 125 -21.80 7.72 33.38
N ILE D 126 -21.52 7.15 32.22
CA ILE D 126 -22.16 5.88 31.83
C ILE D 126 -21.83 4.77 32.80
N ALA D 127 -20.57 4.73 33.25
CA ALA D 127 -20.13 3.75 34.26
C ALA D 127 -20.92 3.86 35.57
N GLY D 128 -21.16 5.10 36.00
CA GLY D 128 -21.93 5.34 37.22
C GLY D 128 -23.34 4.77 37.07
N ALA D 129 -23.95 5.01 35.92
CA ALA D 129 -25.29 4.47 35.70
C ALA D 129 -25.22 2.94 35.67
N MET D 130 -24.19 2.38 35.05
CA MET D 130 -24.08 0.92 34.97
C MET D 130 -23.85 0.31 36.33
N ARG D 131 -23.20 1.06 37.23
CA ARG D 131 -22.98 0.52 38.58
C ARG D 131 -24.33 0.34 39.28
N LEU D 132 -25.27 1.25 39.04
CA LEU D 132 -26.61 1.12 39.63
C LEU D 132 -27.40 -0.05 39.02
N LEU D 133 -27.39 -0.16 37.70
N LEU D 133 -27.36 -0.18 37.70
CA LEU D 133 -28.05 -1.29 37.04
CA LEU D 133 -28.05 -1.31 37.02
C LEU D 133 -27.49 -2.60 37.59
C LEU D 133 -27.49 -2.66 37.46
N HIS D 134 -26.17 -2.74 37.53
CA HIS D 134 -25.52 -3.95 38.00
C HIS D 134 -25.88 -4.25 39.45
N SER D 135 -25.93 -3.24 40.33
CA SER D 135 -26.29 -3.55 41.72
C SER D 135 -27.76 -4.01 41.84
N LYS D 136 -28.63 -3.52 40.96
CA LYS D 136 -30.06 -3.92 40.98
C LYS D 136 -30.34 -5.23 40.23
N GLY D 137 -29.31 -5.70 39.51
CA GLY D 137 -29.40 -6.93 38.73
C GLY D 137 -30.15 -6.72 37.44
N ILE D 138 -30.04 -5.52 36.88
CA ILE D 138 -30.72 -5.18 35.64
C ILE D 138 -29.74 -5.12 34.46
N ILE D 139 -30.11 -5.74 33.34
CA ILE D 139 -29.37 -5.57 32.11
C ILE D 139 -30.21 -4.75 31.10
N HIS D 140 -29.56 -3.81 30.41
CA HIS D 140 -30.30 -2.86 29.57
C HIS D 140 -30.63 -3.47 28.18
N ARG D 141 -29.60 -4.04 27.53
CA ARG D 141 -29.70 -4.79 26.28
C ARG D 141 -29.95 -4.00 24.99
N ASP D 142 -30.03 -2.67 25.08
CA ASP D 142 -30.17 -1.90 23.83
C ASP D 142 -29.31 -0.64 23.87
N LEU D 143 -28.11 -0.78 24.43
CA LEU D 143 -27.19 0.36 24.48
C LEU D 143 -26.63 0.64 23.09
N LYS D 144 -26.75 1.89 22.66
CA LYS D 144 -26.27 2.40 21.37
C LYS D 144 -26.30 3.92 21.50
N PRO D 145 -25.60 4.64 20.61
CA PRO D 145 -25.50 6.09 20.79
C PRO D 145 -26.85 6.78 20.71
N GLN D 146 -27.77 6.24 19.92
CA GLN D 146 -29.13 6.79 19.86
C GLN D 146 -29.86 6.77 21.21
N ASN D 147 -29.44 5.88 22.12
CA ASN D 147 -30.05 5.76 23.46
C ASN D 147 -29.22 6.37 24.58
N ILE D 148 -28.30 7.25 24.21
CA ILE D 148 -27.59 8.06 25.21
C ILE D 148 -28.00 9.51 24.96
N LEU D 149 -28.69 10.14 25.91
CA LEU D 149 -29.17 11.51 25.70
C LEU D 149 -28.22 12.48 26.38
N LEU D 150 -28.19 13.71 25.89
CA LEU D 150 -27.27 14.70 26.40
C LEU D 150 -28.03 15.84 27.04
N SER D 151 -27.50 16.37 28.13
CA SER D 151 -28.11 17.52 28.77
C SER D 151 -27.03 18.54 29.13
N ASN D 152 -27.34 19.82 29.00
CA ASN D 152 -26.45 20.87 29.50
C ASN D 152 -27.18 21.84 30.42
N PRO D 153 -26.85 21.82 31.72
CA PRO D 153 -27.52 22.66 32.72
C PRO D 153 -27.01 24.10 32.74
N ALA D 154 -25.91 24.36 32.04
CA ALA D 154 -25.35 25.72 31.96
C ALA D 154 -25.90 26.46 30.74
N GLY D 155 -25.40 27.68 30.51
CA GLY D 155 -25.86 28.54 29.44
C GLY D 155 -25.55 28.01 28.05
N ARG D 156 -26.05 28.70 27.02
CA ARG D 156 -25.86 28.27 25.63
C ARG D 156 -24.37 28.15 25.27
N ARG D 157 -24.07 27.24 24.35
CA ARG D 157 -22.70 27.00 23.88
C ARG D 157 -21.79 26.57 25.03
N ALA D 158 -22.36 26.13 26.15
CA ALA D 158 -21.56 25.74 27.30
C ALA D 158 -20.65 24.55 26.98
N ASN D 159 -19.52 24.47 27.67
CA ASN D 159 -18.47 23.52 27.34
C ASN D 159 -18.90 22.07 27.49
N PRO D 160 -18.25 21.16 26.74
CA PRO D 160 -18.44 19.72 26.88
C PRO D 160 -18.16 19.24 28.31
N ASN D 161 -17.43 20.02 29.09
CA ASN D 161 -17.21 19.69 30.50
C ASN D 161 -18.50 19.76 31.28
N SER D 162 -19.50 20.41 30.70
CA SER D 162 -20.78 20.66 31.35
C SER D 162 -21.88 19.72 30.87
N ILE D 163 -21.58 18.93 29.84
CA ILE D 163 -22.56 17.98 29.31
C ILE D 163 -22.76 16.80 30.25
N ARG D 164 -24.02 16.49 30.52
CA ARG D 164 -24.37 15.32 31.32
C ARG D 164 -25.02 14.29 30.39
N VAL D 165 -24.57 13.04 30.44
CA VAL D 165 -25.14 12.04 29.53
C VAL D 165 -25.98 11.05 30.31
N LYS D 166 -27.05 10.57 29.66
CA LYS D 166 -28.09 9.81 30.32
C LYS D 166 -28.54 8.65 29.47
N ILE D 167 -28.60 7.46 30.05
CA ILE D 167 -29.12 6.31 29.34
C ILE D 167 -30.66 6.32 29.22
N ALA D 168 -31.13 6.02 28.01
CA ALA D 168 -32.57 5.99 27.73
C ALA D 168 -32.99 4.64 27.15
N ASP D 169 -34.30 4.48 27.02
CA ASP D 169 -34.93 3.33 26.34
C ASP D 169 -34.70 2.01 27.06
N PHE D 170 -35.49 1.78 28.10
CA PHE D 170 -35.33 0.59 28.92
C PHE D 170 -36.40 -0.44 28.57
N GLY D 171 -36.98 -0.30 27.37
CA GLY D 171 -38.07 -1.18 26.97
C GLY D 171 -37.65 -2.63 26.83
N PHE D 172 -36.36 -2.84 26.56
CA PHE D 172 -35.84 -4.19 26.38
C PHE D 172 -35.11 -4.69 27.61
N ALA D 173 -35.10 -3.91 28.69
CA ALA D 173 -34.29 -4.28 29.83
C ALA D 173 -34.97 -5.41 30.60
N ARG D 174 -34.19 -6.16 31.38
CA ARG D 174 -34.77 -7.18 32.27
C ARG D 174 -33.94 -7.34 33.52
N TYR D 175 -34.59 -7.82 34.58
CA TYR D 175 -33.83 -8.33 35.71
C TYR D 175 -33.20 -9.67 35.33
N LEU D 176 -31.98 -9.92 35.80
CA LEU D 176 -31.36 -11.22 35.55
C LEU D 176 -30.75 -11.71 36.85
N GLN D 177 -31.28 -12.80 37.36
CA GLN D 177 -30.82 -13.39 38.62
C GLN D 177 -29.36 -13.80 38.44
N SER D 178 -28.55 -13.67 39.50
CA SER D 178 -27.09 -13.76 39.33
C SER D 178 -26.60 -15.17 38.98
N ASN D 179 -27.43 -16.18 39.23
CA ASN D 179 -27.07 -17.54 38.83
C ASN D 179 -27.78 -17.95 37.53
N MET D 180 -28.30 -16.99 36.78
N MET D 180 -28.28 -16.96 36.80
CA MET D 180 -29.04 -17.31 35.54
CA MET D 180 -29.04 -17.21 35.58
C MET D 180 -28.43 -16.61 34.31
C MET D 180 -28.44 -16.48 34.37
N MET D 181 -28.90 -17.01 33.13
N MET D 181 -28.80 -16.94 33.18
CA MET D 181 -28.45 -16.41 31.87
CA MET D 181 -28.42 -16.24 31.96
C MET D 181 -29.66 -16.01 31.03
C MET D 181 -29.66 -15.92 31.15
N ALA D 182 -29.54 -14.92 30.27
CA ALA D 182 -30.64 -14.50 29.40
C ALA D 182 -30.42 -15.08 28.03
N ALA D 183 -31.46 -15.12 27.20
CA ALA D 183 -31.29 -15.63 25.86
C ALA D 183 -32.14 -14.93 24.80
N TPO D 184 -32.94 -13.94 25.21
CA TPO D 184 -33.74 -13.21 24.28
CB TPO D 184 -34.69 -12.27 25.00
CG2 TPO D 184 -35.52 -11.53 23.97
OG1 TPO D 184 -35.57 -13.09 25.75
P TPO D 184 -35.66 -12.72 27.32
O1P TPO D 184 -34.20 -12.74 27.95
O2P TPO D 184 -36.54 -13.93 27.91
O3P TPO D 184 -36.28 -11.36 27.48
C TPO D 184 -32.87 -12.40 23.35
O TPO D 184 -32.02 -11.64 23.76
N LEU D 185 -33.11 -12.56 22.05
CA LEU D 185 -32.30 -11.81 21.08
C LEU D 185 -32.87 -10.40 20.93
N CYS D 186 -32.13 -9.41 21.40
CA CYS D 186 -32.58 -8.03 21.18
C CYS D 186 -31.42 -7.05 21.19
N GLY D 187 -31.69 -5.80 20.80
CA GLY D 187 -30.66 -4.79 20.67
C GLY D 187 -30.54 -4.41 19.21
N SER D 188 -29.51 -3.65 18.88
CA SER D 188 -29.29 -3.32 17.48
C SER D 188 -28.01 -3.99 17.04
N PRO D 189 -28.05 -4.70 15.89
CA PRO D 189 -27.01 -5.54 15.29
C PRO D 189 -25.59 -5.01 15.42
N MET D 190 -25.34 -3.76 15.08
CA MET D 190 -23.98 -3.23 15.12
C MET D 190 -23.51 -2.99 16.55
N TYR D 191 -24.42 -3.07 17.51
CA TYR D 191 -24.06 -2.86 18.90
C TYR D 191 -24.29 -4.09 19.78
N MET D 192 -24.73 -5.21 19.20
CA MET D 192 -24.99 -6.43 19.98
C MET D 192 -23.74 -7.24 20.20
N ALA D 193 -23.60 -7.82 21.38
CA ALA D 193 -22.47 -8.69 21.64
C ALA D 193 -22.59 -9.92 20.76
N PRO D 194 -21.45 -10.51 20.39
CA PRO D 194 -21.42 -11.69 19.53
C PRO D 194 -22.35 -12.80 20.04
N GLU D 195 -22.28 -13.12 21.32
CA GLU D 195 -23.13 -14.17 21.90
C GLU D 195 -24.62 -13.87 21.74
N VAL D 196 -24.99 -12.60 21.79
CA VAL D 196 -26.37 -12.19 21.58
C VAL D 196 -26.81 -12.43 20.13
N ILE D 197 -26.06 -11.87 19.19
CA ILE D 197 -26.43 -12.01 17.79
C ILE D 197 -26.30 -13.46 17.30
N MET D 198 -25.51 -14.27 18.01
CA MET D 198 -25.43 -15.69 17.69
C MET D 198 -26.50 -16.52 18.42
N SER D 199 -27.44 -15.84 19.08
CA SER D 199 -28.55 -16.54 19.75
C SER D 199 -28.11 -17.42 20.89
N GLN D 200 -26.97 -17.11 21.49
CA GLN D 200 -26.48 -17.86 22.63
C GLN D 200 -26.96 -17.27 23.96
N HIS D 201 -26.70 -17.97 25.06
CA HIS D 201 -27.01 -17.42 26.37
C HIS D 201 -26.02 -16.29 26.70
N TYR D 202 -26.45 -15.30 27.49
CA TYR D 202 -25.56 -14.19 27.84
C TYR D 202 -25.94 -13.58 29.20
N ASP D 203 -25.11 -12.67 29.69
CA ASP D 203 -25.41 -12.01 30.96
C ASP D 203 -25.08 -10.54 30.84
N GLY D 204 -24.82 -9.88 31.97
CA GLY D 204 -24.55 -8.44 31.94
C GLY D 204 -23.35 -8.02 31.09
N LYS D 205 -22.45 -8.95 30.79
CA LYS D 205 -21.30 -8.60 29.97
C LYS D 205 -21.66 -8.24 28.53
N ALA D 206 -22.87 -8.61 28.11
CA ALA D 206 -23.36 -8.18 26.81
C ALA D 206 -23.49 -6.65 26.74
N ASP D 207 -23.95 -6.03 27.83
CA ASP D 207 -23.98 -4.55 27.87
C ASP D 207 -22.56 -3.97 27.75
N LEU D 208 -21.57 -4.67 28.30
CA LEU D 208 -20.20 -4.13 28.31
C LEU D 208 -19.61 -4.13 26.90
N TRP D 209 -19.88 -5.18 26.13
CA TRP D 209 -19.59 -5.14 24.70
C TRP D 209 -20.23 -3.90 24.06
N SER D 210 -21.53 -3.70 24.29
CA SER D 210 -22.21 -2.55 23.68
C SER D 210 -21.53 -1.24 24.04
N ILE D 211 -21.15 -1.09 25.31
CA ILE D 211 -20.42 0.11 25.72
C ILE D 211 -19.08 0.24 24.96
N GLY D 212 -18.36 -0.87 24.79
CA GLY D 212 -17.19 -0.85 23.93
C GLY D 212 -17.42 -0.27 22.53
N THR D 213 -18.49 -0.69 21.88
CA THR D 213 -18.75 -0.22 20.52
C THR D 213 -19.12 1.25 20.53
N ILE D 214 -19.74 1.71 21.61
CA ILE D 214 -20.11 3.13 21.73
C ILE D 214 -18.85 3.94 21.85
N VAL D 215 -17.93 3.49 22.71
CA VAL D 215 -16.67 4.22 22.90
C VAL D 215 -15.89 4.27 21.59
N TYR D 216 -15.86 3.13 20.91
CA TYR D 216 -15.15 3.01 19.64
C TYR D 216 -15.74 3.98 18.61
N GLN D 217 -17.06 4.08 18.57
CA GLN D 217 -17.69 4.98 17.61
C GLN D 217 -17.41 6.43 17.97
N CYS D 218 -17.34 6.73 19.27
CA CYS D 218 -16.96 8.07 19.70
C CYS D 218 -15.56 8.43 19.23
N LEU D 219 -14.68 7.43 19.23
CA LEU D 219 -13.27 7.62 18.91
C LEU D 219 -13.01 7.79 17.42
N THR D 220 -13.74 7.04 16.60
CA THR D 220 -13.44 6.91 15.19
C THR D 220 -14.54 7.43 14.27
N GLY D 221 -15.74 7.61 14.82
CA GLY D 221 -16.87 8.01 13.99
C GLY D 221 -17.65 6.84 13.40
N LYS D 222 -17.14 5.62 13.57
CA LYS D 222 -17.77 4.45 12.96
C LYS D 222 -17.91 3.28 13.93
N ALA D 223 -18.86 2.39 13.65
CA ALA D 223 -19.00 1.16 14.42
C ALA D 223 -17.82 0.27 14.09
N PRO D 224 -17.37 -0.56 15.06
CA PRO D 224 -16.10 -1.30 14.88
C PRO D 224 -16.18 -2.45 13.88
N PHE D 225 -17.34 -3.10 13.81
CA PHE D 225 -17.52 -4.28 12.96
C PHE D 225 -18.75 -4.10 12.10
N GLN D 226 -18.54 -4.09 10.79
CA GLN D 226 -19.64 -3.83 9.87
C GLN D 226 -19.73 -4.91 8.80
N ALA D 227 -20.95 -5.18 8.36
CA ALA D 227 -21.19 -6.16 7.30
C ALA D 227 -22.38 -5.70 6.46
N SER D 228 -22.62 -6.38 5.35
CA SER D 228 -23.69 -5.99 4.43
C SER D 228 -25.07 -6.23 5.06
N SER D 229 -25.11 -7.13 6.04
CA SER D 229 -26.36 -7.44 6.72
C SER D 229 -26.06 -7.96 8.11
N PRO D 230 -27.06 -7.93 8.99
CA PRO D 230 -26.92 -8.52 10.33
C PRO D 230 -26.60 -10.02 10.26
N GLN D 231 -26.99 -10.66 9.17
CA GLN D 231 -26.72 -12.09 9.05
C GLN D 231 -25.26 -12.33 8.63
N ASP D 232 -24.72 -11.41 7.86
CA ASP D 232 -23.31 -11.47 7.48
C ASP D 232 -22.42 -11.03 8.65
N LEU D 233 -22.95 -10.16 9.51
CA LEU D 233 -22.25 -9.79 10.73
C LEU D 233 -22.16 -11.00 11.66
N ARG D 234 -23.26 -11.73 11.76
CA ARG D 234 -23.30 -12.97 12.53
C ARG D 234 -22.24 -13.97 12.03
N LEU D 235 -22.18 -14.12 10.70
CA LEU D 235 -21.24 -15.05 10.06
C LEU D 235 -19.80 -14.64 10.31
N PHE D 236 -19.56 -13.34 10.30
CA PHE D 236 -18.25 -12.80 10.61
C PHE D 236 -17.83 -13.21 12.03
N TYR D 237 -18.75 -13.10 12.97
CA TYR D 237 -18.43 -13.41 14.36
C TYR D 237 -18.15 -14.90 14.53
N GLU D 238 -18.91 -15.73 13.81
CA GLU D 238 -18.75 -17.17 13.88
C GLU D 238 -17.35 -17.60 13.41
N LYS D 239 -16.94 -17.07 12.27
CA LYS D 239 -15.72 -17.55 11.62
C LYS D 239 -14.43 -16.94 12.16
N ASN D 240 -14.55 -15.84 12.91
CA ASN D 240 -13.37 -15.16 13.43
C ASN D 240 -13.25 -15.21 14.95
N LYS D 241 -12.14 -15.78 15.44
CA LYS D 241 -11.91 -15.91 16.87
C LYS D 241 -11.08 -14.75 17.40
N THR D 242 -10.47 -14.01 16.48
CA THR D 242 -9.78 -12.78 16.84
C THR D 242 -10.58 -11.60 16.34
N LEU D 243 -11.18 -10.85 17.27
CA LEU D 243 -11.99 -9.71 16.91
C LEU D 243 -11.31 -8.42 17.37
N VAL D 244 -10.48 -7.86 16.50
CA VAL D 244 -9.80 -6.60 16.74
C VAL D 244 -10.29 -5.52 15.76
N PRO D 245 -11.02 -4.52 16.27
CA PRO D 245 -11.41 -3.43 15.38
C PRO D 245 -10.20 -2.58 15.01
N THR D 246 -10.36 -1.71 14.02
CA THR D 246 -9.28 -0.83 13.59
C THR D 246 -9.17 0.40 14.52
N ILE D 247 -8.18 0.39 15.41
CA ILE D 247 -8.00 1.48 16.35
C ILE D 247 -6.85 2.37 15.91
N PRO D 248 -7.07 3.70 15.82
CA PRO D 248 -5.97 4.58 15.39
C PRO D 248 -4.70 4.39 16.21
N ARG D 249 -3.54 4.47 15.56
CA ARG D 249 -2.29 4.12 16.22
C ARG D 249 -1.94 5.11 17.34
N GLU D 250 -2.42 6.35 17.25
CA GLU D 250 -2.07 7.36 18.25
C GLU D 250 -2.90 7.24 19.53
N THR D 251 -3.93 6.39 19.51
CA THR D 251 -4.76 6.16 20.69
C THR D 251 -3.92 5.77 21.89
N SER D 252 -4.21 6.38 23.04
CA SER D 252 -3.45 6.08 24.26
C SER D 252 -3.63 4.60 24.60
N ALA D 253 -2.56 4.01 25.12
CA ALA D 253 -2.56 2.59 25.41
C ALA D 253 -3.68 2.16 26.37
N PRO D 254 -3.92 2.95 27.45
CA PRO D 254 -5.03 2.59 28.35
C PRO D 254 -6.39 2.55 27.65
N LEU D 255 -6.68 3.53 26.80
CA LEU D 255 -7.93 3.55 26.07
C LEU D 255 -8.01 2.39 25.08
N ARG D 256 -6.88 2.09 24.43
CA ARG D 256 -6.86 0.92 23.54
C ARG D 256 -7.11 -0.37 24.32
N GLN D 257 -6.50 -0.47 25.50
CA GLN D 257 -6.66 -1.69 26.32
C GLN D 257 -8.11 -1.81 26.79
N LEU D 258 -8.70 -0.70 27.22
CA LEU D 258 -10.12 -0.69 27.60
C LEU D 258 -10.99 -1.21 26.44
N LEU D 259 -10.75 -0.70 25.24
CA LEU D 259 -11.49 -1.13 24.05
C LEU D 259 -11.30 -2.60 23.71
N LEU D 260 -10.07 -3.05 23.70
CA LEU D 260 -9.84 -4.45 23.33
C LEU D 260 -10.43 -5.40 24.39
N ALA D 261 -10.46 -4.97 25.65
CA ALA D 261 -11.00 -5.81 26.72
C ALA D 261 -12.53 -5.86 26.69
N LEU D 262 -13.16 -4.74 26.35
CA LEU D 262 -14.61 -4.69 26.21
C LEU D 262 -15.04 -5.42 24.94
N LEU D 263 -14.21 -5.36 23.92
CA LEU D 263 -14.58 -5.94 22.63
C LEU D 263 -13.92 -7.33 22.46
N GLN D 264 -13.94 -8.12 23.53
CA GLN D 264 -13.53 -9.52 23.51
C GLN D 264 -14.66 -10.37 22.96
N ARG D 265 -14.36 -11.17 21.95
CA ARG D 265 -15.36 -12.03 21.31
C ARG D 265 -16.07 -12.94 22.31
N ASN D 266 -15.27 -13.62 23.13
CA ASN D 266 -15.78 -14.57 24.12
C ASN D 266 -16.07 -13.90 25.45
N HIS D 267 -17.32 -13.99 25.93
CA HIS D 267 -17.73 -13.18 27.07
C HIS D 267 -16.97 -13.58 28.34
N LYS D 268 -16.52 -14.82 28.42
CA LYS D 268 -15.71 -15.20 29.57
C LYS D 268 -14.40 -14.42 29.63
N ASP D 269 -13.85 -14.09 28.46
CA ASP D 269 -12.61 -13.30 28.41
C ASP D 269 -12.89 -11.83 28.62
N ARG D 270 -14.08 -11.39 28.23
CA ARG D 270 -14.42 -9.97 28.27
C ARG D 270 -14.24 -9.37 29.66
N MET D 271 -13.91 -8.10 29.71
CA MET D 271 -13.81 -7.33 30.94
C MET D 271 -15.08 -7.48 31.76
N ASP D 272 -14.97 -7.67 33.07
CA ASP D 272 -16.18 -7.75 33.89
C ASP D 272 -16.44 -6.40 34.56
N PHE D 273 -17.48 -6.29 35.35
CA PHE D 273 -17.90 -4.98 35.83
C PHE D 273 -16.91 -4.32 36.81
N ASP D 274 -16.37 -5.10 37.72
CA ASP D 274 -15.41 -4.58 38.67
C ASP D 274 -14.20 -4.00 37.96
N GLU D 275 -13.72 -4.70 36.94
CA GLU D 275 -12.58 -4.22 36.13
C GLU D 275 -12.94 -2.95 35.38
N PHE D 276 -14.17 -2.90 34.85
CA PHE D 276 -14.63 -1.75 34.11
C PHE D 276 -14.74 -0.53 35.03
N PHE D 277 -15.42 -0.69 36.15
CA PHE D 277 -15.63 0.41 37.09
C PHE D 277 -14.32 0.98 37.59
N HIS D 278 -13.32 0.14 37.79
CA HIS D 278 -12.03 0.62 38.33
C HIS D 278 -10.93 0.78 37.27
N HIS D 279 -11.32 0.85 36.00
CA HIS D 279 -10.32 0.91 34.93
C HIS D 279 -9.55 2.23 34.95
N PRO D 280 -8.23 2.16 34.80
CA PRO D 280 -7.38 3.35 34.83
C PRO D 280 -7.86 4.49 33.91
N PHE D 281 -8.40 4.16 32.74
CA PHE D 281 -8.84 5.20 31.81
C PHE D 281 -9.94 6.07 32.43
N LEU D 282 -10.73 5.49 33.34
CA LEU D 282 -11.82 6.19 34.01
C LEU D 282 -11.41 7.01 35.25
N ASP D 283 -10.14 6.95 35.64
CA ASP D 283 -9.68 7.75 36.77
C ASP D 283 -9.83 9.24 36.44
N ALA D 284 -10.54 10.05 37.25
CA ALA D 284 -11.07 9.74 38.59
C ALA D 284 -9.98 9.82 39.65
C1 GOL E . 10.04 13.70 4.02
O1 GOL E . 9.82 13.94 5.40
C2 GOL E . 8.75 13.24 3.35
O2 GOL E . 7.63 13.78 4.02
C3 GOL E . 8.74 13.67 1.88
O3 GOL E . 7.41 13.86 1.43
H11 GOL E . 10.40 14.62 3.55
H12 GOL E . 10.81 12.94 3.91
HO1 GOL E . 10.66 14.17 5.84
H2 GOL E . 8.71 12.15 3.40
HO2 GOL E . 7.66 14.75 3.96
H31 GOL E . 9.29 14.59 1.77
H32 GOL E . 9.22 12.90 1.28
HO3 GOL E . 6.78 13.51 2.10
C1 GOL F . 12.26 7.12 4.51
O1 GOL F . 12.81 6.75 3.25
C2 GOL F . 11.46 8.41 4.39
O2 GOL F . 10.20 8.14 3.81
C3 GOL F . 11.25 9.07 5.75
O3 GOL F . 12.05 10.25 5.84
H11 GOL F . 11.61 6.32 4.87
H12 GOL F . 13.07 7.26 5.23
HO1 GOL F . 13.38 5.97 3.37
H2 GOL F . 12.02 9.10 3.75
HO2 GOL F . 9.70 7.55 4.40
H31 GOL F . 10.21 9.33 5.88
H32 GOL F . 11.54 8.38 6.53
HO3 GOL F . 12.93 10.09 5.45
C13 3RJ G . 14.43 18.80 -19.39
C15 3RJ G . 15.12 20.01 -17.85
C17 3RJ G . 12.91 20.03 -21.21
C21 3RJ G . 11.74 24.01 -20.20
C22 3RJ G . 11.01 24.01 -19.02
C28 3RJ G . 13.72 23.31 -19.03
C01 3RJ G . 9.82 23.19 -24.58
C02 3RJ G . 9.10 23.70 -25.69
C03 3RJ G . 8.80 22.85 -26.73
C04 3RJ G . 9.22 21.51 -26.72
C05 3RJ G . 9.95 21.01 -25.64
C06 3RJ G . 10.26 21.88 -24.54
C07 3RJ G . 10.97 21.44 -23.40
N08 3RJ G . 11.41 20.10 -23.36
C09 3RJ G . 12.22 19.50 -22.33
N10 3RJ G . 12.44 18.17 -22.39
N11 3RJ G . 13.21 17.83 -21.32
C12 3RJ G . 13.53 18.91 -20.60
C14 3RJ G . 15.58 19.76 -19.25
C16 3RJ G . 13.80 19.44 -18.20
N18 3RJ G . 11.26 22.27 -22.38
C19 3RJ G . 10.82 23.55 -22.45
N20 3RJ G . 11.08 24.43 -21.38
C23 3RJ G . 11.66 23.63 -17.82
N24 3RJ G . 11.19 23.53 -16.54
C25 3RJ G . 12.21 23.14 -15.74
N26 3RJ G . 13.32 22.99 -16.51
C27 3RJ G . 12.98 23.30 -17.82
C29 3RJ G . 13.08 23.68 -20.22
N30 3RJ G . 10.12 24.01 -23.50
H131 3RJ G . 14.76 17.90 -19.32
H152 3RJ G . 15.61 19.48 -17.20
H151 3RJ G . 15.08 20.95 -17.62
H171 3RJ G . 12.96 20.95 -20.93
H221 3RJ G . 10.07 24.25 -19.02
H281 3RJ G . 14.65 23.07 -19.03
H021 3RJ G . 8.79 24.62 -25.70
H031 3RJ G . 8.31 23.19 -27.50
H041 3RJ G . 9.02 20.93 -27.47
H051 3RJ G . 10.24 20.09 -25.63
H081 3RJ G . 11.09 19.55 -24.01
H111 3RJ G . 13.50 16.99 -21.15
H142 3RJ G . 15.51 20.54 -19.82
H141 3RJ G . 16.44 19.33 -19.29
H161 3RJ G . 13.49 18.78 -17.55
H162 3RJ G . 13.13 20.10 -18.43
H201 3RJ G . 11.06 25.31 -21.55
H241 3RJ G . 10.35 23.70 -16.27
H251 3RJ G . 12.17 22.99 -14.79
H291 3RJ G . 13.59 23.70 -21.05
C13 3RJ H . 9.04 -3.10 28.66
C15 3RJ H . 10.99 -3.04 27.88
C17 3RJ H . 8.42 -5.54 29.54
C21 3RJ H . 11.73 -8.53 29.21
C22 3RJ H . 12.21 -8.65 27.91
C28 3RJ H . 12.30 -6.19 29.27
C01 3RJ H . 8.14 -10.79 31.61
C02 3RJ H . 7.68 -11.95 32.32
C03 3RJ H . 6.41 -11.97 32.86
C04 3RJ H . 5.57 -10.86 32.71
C05 3RJ H . 6.01 -9.73 32.02
C06 3RJ H . 7.33 -9.70 31.46
C07 3RJ H . 7.80 -8.55 30.75
N08 3RJ H . 6.91 -7.42 30.61
C09 3RJ H . 7.25 -6.08 30.14
N10 3RJ H . 6.36 -5.06 30.24
N11 3RJ H . 6.93 -3.93 29.73
C12 3RJ H . 8.17 -4.18 29.29
C14 3RJ H . 10.39 -2.82 29.24
C16 3RJ H . 9.69 -3.63 27.43
N18 3RJ H . 9.05 -8.56 30.23
C19 3RJ H . 9.84 -9.67 30.39
N20 3RJ H . 11.18 -9.70 29.84
C23 3RJ H . 12.75 -7.51 27.28
N24 3RJ H . 13.29 -7.33 26.03
C25 3RJ H . 13.68 -6.03 25.92
N26 3RJ H . 13.38 -5.40 27.07
C27 3RJ H . 12.79 -6.31 27.93
C29 3RJ H . 11.76 -7.32 29.89
N30 3RJ H . 9.41 -10.77 31.05
H131 3RJ H . 8.53 -2.26 28.63
H152 3RJ H . 11.21 -2.22 27.44
H151 3RJ H . 11.71 -3.69 27.89
H171 3RJ H . 9.23 -6.02 29.33
H221 3RJ H . 12.17 -9.49 27.46
H281 3RJ H . 12.34 -5.35 29.72
H021 3RJ H . 8.27 -12.72 32.41
H031 3RJ H . 6.10 -12.75 33.34
H041 3RJ H . 4.69 -10.88 33.08
H051 3RJ H . 5.43 -8.97 31.93
H081 3RJ H . 6.04 -7.56 30.82
H111 3RJ H . 6.53 -3.11 29.69
H142 3RJ H . 10.67 -3.49 29.89
H141 3RJ H . 10.49 -1.90 29.54
H161 3RJ H . 9.36 -3.19 26.62
H162 3RJ H . 9.70 -4.59 27.39
H201 3RJ H . 11.76 -10.32 30.16
H241 3RJ H . 13.38 -7.97 25.40
H251 3RJ H . 14.08 -5.63 25.13
H291 3RJ H . 11.42 -7.26 30.79
C13 3RJ I . 13.81 -26.89 -35.32
C15 3RJ I . 11.72 -26.95 -35.40
C17 3RJ I . 14.70 -27.24 -32.84
C21 3RJ I . 11.55 -26.98 -29.89
C22 3RJ I . 10.92 -25.75 -29.94
C28 3RJ I . 10.80 -27.51 -32.13
C01 3RJ I . 15.55 -28.11 -27.39
C02 3RJ I . 16.12 -28.45 -26.13
C03 3RJ I . 17.49 -28.67 -26.05
C04 3RJ I . 18.30 -28.56 -27.19
C05 3RJ I . 17.73 -28.25 -28.41
C06 3RJ I . 16.32 -28.01 -28.52
C07 3RJ I . 15.70 -27.68 -29.75
N08 3RJ I . 16.51 -27.55 -30.94
C09 3RJ I . 16.01 -27.35 -32.31
N10 3RJ I . 16.87 -27.26 -33.35
N11 3RJ I . 16.15 -27.08 -34.49
C12 3RJ I . 14.83 -27.06 -34.22
C14 3RJ I . 12.80 -27.99 -35.47
C16 3RJ I . 12.72 -25.95 -34.92
N18 3RJ I . 14.37 -27.46 -29.80
C19 3RJ I . 13.63 -27.57 -28.67
N20 3RJ I . 12.22 -27.35 -28.69
C23 3RJ I . 10.21 -25.38 -31.12
N24 3RJ I . 9.50 -24.26 -31.45
C25 3RJ I . 9.02 -24.41 -32.71
N26 3RJ I . 9.41 -25.62 -33.18
C27 3RJ I . 10.16 -26.25 -32.19
C29 3RJ I . 11.50 -27.87 -30.97
N30 3RJ I . 14.19 -27.88 -27.48
H131 3RJ I . 14.27 -26.76 -36.17
H152 3RJ I . 11.36 -26.73 -36.27
H151 3RJ I . 11.06 -27.17 -34.73
H171 3RJ I . 13.87 -27.27 -32.34
H221 3RJ I . 10.95 -25.16 -29.18
H281 3RJ I . 10.77 -28.11 -32.88
H021 3RJ I . 15.58 -28.51 -25.35
H031 3RJ I . 17.89 -28.89 -25.19
H041 3RJ I . 19.25 -28.73 -27.12
H051 3RJ I . 18.28 -28.17 -29.20
H081 3RJ I . 17.40 -27.56 -30.83
H111 3RJ I . 16.51 -26.99 -35.32
H142 3RJ I . 12.79 -28.61 -34.73
H141 3RJ I . 12.84 -28.41 -36.35
H161 3RJ I . 12.72 -25.13 -35.44
H162 3RJ I . 12.69 -25.80 -33.97
H201 3RJ I . 11.73 -27.71 -28.03
H241 3RJ I . 9.39 -23.53 -30.92
H251 3RJ I . 8.49 -23.76 -33.19
H291 3RJ I . 11.94 -28.72 -30.92
C13 3RJ J . -36.71 10.92 26.79
C15 3RJ J . -36.94 9.03 25.95
C17 3RJ J . -35.76 12.71 25.07
C21 3RJ J . -34.90 11.09 21.16
C22 3RJ J . -33.97 10.07 21.23
C28 3RJ J . -36.44 9.77 22.49
C01 3RJ J . -33.75 15.85 20.86
C02 3RJ J . -33.28 16.95 20.08
C03 3RJ J . -33.09 18.19 20.67
C04 3RJ J . -33.37 18.36 22.02
C05 3RJ J . -33.83 17.28 22.78
C06 3RJ J . -34.02 16.00 22.18
C07 3RJ J . -34.48 14.88 22.93
N08 3RJ J . -34.75 15.05 24.34
C09 3RJ J . -35.27 14.03 25.25
N10 3RJ J . -35.37 14.33 26.57
N11 3RJ J . -35.88 13.24 27.20
C12 3RJ J . -36.13 12.25 26.35
C14 3RJ J . -37.74 10.30 25.91
C16 3RJ J . -35.77 9.81 26.46
N18 3RJ J . -34.66 13.69 22.34
C19 3RJ J . -34.37 13.54 21.02
N20 3RJ J . -34.56 12.27 20.40
C23 3RJ J . -34.27 8.88 21.94
N24 3RJ J . -33.52 7.75 22.16
C25 3RJ J . -34.27 6.89 22.91
N26 3RJ J . -35.46 7.47 23.15
C27 3RJ J . -35.48 8.73 22.55
C29 3RJ J . -36.14 10.95 21.78
N30 3RJ J . -33.94 14.59 20.27
H131 3RJ J . -37.06 11.01 27.70
H152 3RJ J . -37.28 8.38 26.58
H151 3RJ J . -36.79 8.66 25.05
H171 3RJ J . -35.82 12.22 24.24
H221 3RJ J . -33.11 10.17 20.79
H281 3RJ J . -37.29 9.66 22.92
H021 3RJ J . -33.09 16.84 19.14
H031 3RJ J . -32.78 18.95 20.14
H041 3RJ J . -33.25 19.22 22.45
H051 3RJ J . -34.01 17.41 23.72
H081 3RJ J . -34.55 15.86 24.70
H111 3RJ J . -36.04 13.19 28.10
H142 3RJ J . -37.79 10.70 25.03
H141 3RJ J . -38.60 10.20 26.34
H161 3RJ J . -35.37 9.42 27.25
H162 3RJ J . -35.14 10.05 25.77
H201 3RJ J . -34.76 12.27 19.52
H241 3RJ J . -32.69 7.58 21.86
H251 3RJ J . -33.99 6.01 23.22
H291 3RJ J . -36.80 11.66 21.72
#